data_6N0O
#
_entry.id   6N0O
#
_cell.length_a   49.767
_cell.length_b   105.153
_cell.length_c   194.212
_cell.angle_alpha   90.00
_cell.angle_beta   90.00
_cell.angle_gamma   90.00
#
_symmetry.space_group_name_H-M   'P 21 21 21'
#
loop_
_entity.id
_entity.type
_entity.pdbx_description
1 polymer 'Tyrosyl-DNA phosphodiesterase 1'
2 non-polymer 1,2-ETHANEDIOL
3 non-polymer '4-nitrobenzene-1,2-dicarboxylic acid'
4 water water
#
_entity_poly.entity_id   1
_entity_poly.type   'polypeptide(L)'
_entity_poly.pdbx_seq_one_letter_code
;SGEGQDIWDMLDKGNPFQFYLTRVSGVKPKYNSGALHIKDILSPLFGTLVSSAQFNYCFDVDWLVKQYPPEFRKKPILLV
HGDKREAKAHLHAQAKPYENISLCQAKLDIAFGTHHTKMMLLLYEEGLRVVIHTSNLIHADWHQKTQGIWLSPLYPRIAD
GTHKSGESPTHFKADLISYLMAYNAPSLKEWIDVIHKHDLSETNVYLIGSTPGRFQGSQKDNWGHFRLKKLLKDHASSMP
NAESWPVVGQFSSVGSLGADESKWLCSEFKESMLTLGKESKTPGKSSVPLYLIYPSVENVRTSLEGYPAGGSLPYSIQTA
EKQNWLHSYFHKWSAETSGRSNAMPHIKTYMRPSPDFSKIAWFLVTSANLSKAAWGALEKNGTQLMIRSYELGVLFLPSA
FGLDSFKVKQKFFAGSQEPMATFPVPYDLPPELYGSKDRPWIWNIPYVKAPDTHGNMWVPS
;
_entity_poly.pdbx_strand_id   A,B
#
loop_
_chem_comp.id
_chem_comp.type
_chem_comp.name
_chem_comp.formula
EDO non-polymer 1,2-ETHANEDIOL 'C2 H6 O2'
K8G non-polymer '4-nitrobenzene-1,2-dicarboxylic acid' 'C8 H5 N O6'
#
# COMPACT_ATOMS: atom_id res chain seq x y z
N ASN A 15 -0.95 -23.17 7.19
CA ASN A 15 -0.09 -22.29 6.41
C ASN A 15 -0.83 -21.04 5.95
N PRO A 16 -0.15 -19.89 5.98
CA PRO A 16 -0.72 -18.67 5.40
C PRO A 16 -0.41 -18.47 3.92
N PHE A 17 0.40 -19.32 3.29
CA PHE A 17 0.86 -18.97 1.95
C PHE A 17 -0.07 -19.44 0.85
N GLN A 18 -0.74 -20.59 1.03
CA GLN A 18 -1.72 -21.07 0.05
C GLN A 18 -1.06 -21.28 -1.31
N PHE A 19 0.16 -21.80 -1.29
CA PHE A 19 0.92 -22.18 -2.46
C PHE A 19 0.87 -23.70 -2.58
N TYR A 20 0.40 -24.21 -3.71
CA TYR A 20 0.19 -25.64 -3.91
C TYR A 20 0.90 -26.11 -5.17
N LEU A 21 1.15 -27.42 -5.22
CA LEU A 21 1.54 -28.09 -6.46
C LEU A 21 0.36 -28.89 -7.00
N THR A 22 0.38 -29.13 -8.31
CA THR A 22 -0.63 -29.98 -8.92
C THR A 22 -0.34 -31.44 -8.59
N ARG A 23 -1.39 -32.25 -8.67
CA ARG A 23 -1.27 -33.69 -8.44
C ARG A 23 -0.44 -34.31 -9.55
N VAL A 24 0.42 -35.27 -9.19
CA VAL A 24 1.24 -36.00 -10.15
C VAL A 24 0.86 -37.48 -10.10
N SER A 25 0.42 -38.02 -11.25
N SER A 25 0.42 -38.02 -11.25
CA SER A 25 0.10 -39.43 -11.33
CA SER A 25 0.10 -39.43 -11.33
C SER A 25 1.39 -40.24 -11.34
C SER A 25 1.39 -40.24 -11.34
N GLY A 26 1.53 -41.16 -10.39
CA GLY A 26 2.71 -42.02 -10.33
C GLY A 26 3.67 -41.77 -9.18
N VAL A 27 3.45 -40.76 -8.35
CA VAL A 27 4.20 -40.64 -7.11
C VAL A 27 3.38 -41.28 -5.99
N LYS A 28 4.03 -41.55 -4.87
CA LYS A 28 3.31 -42.14 -3.76
C LYS A 28 2.29 -41.15 -3.19
N PRO A 29 1.21 -41.65 -2.60
CA PRO A 29 0.18 -40.75 -2.03
C PRO A 29 0.71 -39.68 -1.08
N LYS A 30 1.80 -39.94 -0.34
CA LYS A 30 2.32 -38.91 0.54
C LYS A 30 2.75 -37.65 -0.20
N TYR A 31 3.10 -37.77 -1.48
CA TYR A 31 3.54 -36.63 -2.27
C TYR A 31 2.39 -35.95 -3.01
N ASN A 32 1.18 -36.49 -2.92
CA ASN A 32 -0.01 -35.84 -3.46
C ASN A 32 -0.96 -35.35 -2.38
N SER A 33 -0.66 -35.64 -1.11
CA SER A 33 -1.50 -35.14 -0.03
C SER A 33 -1.16 -33.67 0.17
N GLY A 34 -2.13 -32.81 -0.07
CA GLY A 34 -1.87 -31.40 -0.10
C GLY A 34 -1.58 -30.85 -1.49
N ALA A 35 -1.50 -31.71 -2.50
CA ALA A 35 -1.50 -31.25 -3.88
C ALA A 35 -2.94 -31.05 -4.33
N LEU A 36 -3.11 -30.35 -5.45
CA LEU A 36 -4.45 -30.04 -5.95
C LEU A 36 -4.55 -30.40 -7.42
N HIS A 37 -5.59 -31.14 -7.77
CA HIS A 37 -5.96 -31.31 -9.18
C HIS A 37 -6.99 -30.25 -9.54
N ILE A 38 -7.13 -30.01 -10.86
CA ILE A 38 -8.07 -28.99 -11.32
C ILE A 38 -9.49 -29.34 -10.87
N LYS A 39 -9.83 -30.65 -10.82
CA LYS A 39 -11.14 -31.04 -10.29
C LYS A 39 -11.31 -30.60 -8.84
N ASP A 40 -10.23 -30.66 -8.05
CA ASP A 40 -10.30 -30.13 -6.68
C ASP A 40 -10.57 -28.64 -6.68
N ILE A 41 -9.86 -27.89 -7.52
CA ILE A 41 -10.01 -26.43 -7.53
C ILE A 41 -11.43 -26.03 -7.88
N LEU A 42 -12.03 -26.70 -8.86
CA LEU A 42 -13.38 -26.39 -9.33
C LEU A 42 -14.48 -27.07 -8.52
N SER A 43 -14.12 -27.87 -7.50
CA SER A 43 -15.07 -28.65 -6.73
C SER A 43 -16.10 -27.75 -6.04
N PRO A 44 -17.33 -28.26 -5.82
N PRO A 44 -17.33 -28.26 -5.82
CA PRO A 44 -18.31 -27.46 -5.05
CA PRO A 44 -18.31 -27.46 -5.05
C PRO A 44 -17.84 -27.13 -3.65
C PRO A 44 -17.83 -27.13 -3.66
N LEU A 45 -16.88 -27.90 -3.10
CA LEU A 45 -16.36 -27.59 -1.78
C LEU A 45 -15.62 -26.24 -1.75
N PHE A 46 -15.16 -25.75 -2.90
CA PHE A 46 -14.48 -24.46 -2.93
C PHE A 46 -15.44 -23.29 -3.08
N GLY A 47 -16.66 -23.55 -3.48
CA GLY A 47 -17.64 -22.50 -3.71
C GLY A 47 -18.67 -22.96 -4.71
N THR A 48 -19.85 -22.34 -4.63
CA THR A 48 -20.96 -22.67 -5.53
C THR A 48 -20.82 -21.82 -6.78
N LEU A 49 -20.39 -22.44 -7.86
CA LEU A 49 -19.94 -21.69 -9.03
C LEU A 49 -21.11 -21.02 -9.74
N VAL A 50 -20.96 -19.73 -9.99
CA VAL A 50 -21.90 -18.97 -10.81
C VAL A 50 -21.35 -18.72 -12.20
N SER A 51 -20.08 -18.34 -12.28
N SER A 51 -20.07 -18.35 -12.28
CA SER A 51 -19.43 -18.13 -13.57
CA SER A 51 -19.42 -17.96 -13.53
C SER A 51 -17.93 -18.15 -13.33
C SER A 51 -17.92 -18.05 -13.33
N SER A 52 -17.18 -18.23 -14.42
CA SER A 52 -15.74 -18.35 -14.30
C SER A 52 -15.08 -17.78 -15.55
N ALA A 53 -13.87 -17.27 -15.37
CA ALA A 53 -13.02 -16.91 -16.50
C ALA A 53 -11.74 -17.72 -16.42
N GLN A 54 -11.32 -18.28 -17.55
CA GLN A 54 -10.12 -19.10 -17.66
C GLN A 54 -9.13 -18.37 -18.56
N PHE A 55 -8.13 -17.73 -17.96
CA PHE A 55 -7.03 -17.12 -18.71
C PHE A 55 -5.99 -18.18 -18.98
N ASN A 56 -5.61 -18.38 -20.24
CA ASN A 56 -4.55 -19.35 -20.48
C ASN A 56 -3.95 -19.16 -21.87
N TYR A 57 -3.02 -20.05 -22.20
CA TYR A 57 -2.39 -20.06 -23.50
C TYR A 57 -2.96 -21.16 -24.39
N CYS A 58 -2.98 -22.40 -23.88
CA CYS A 58 -3.46 -23.56 -24.64
C CYS A 58 -4.65 -24.17 -23.91
N PHE A 59 -5.65 -24.59 -24.69
CA PHE A 59 -6.92 -25.09 -24.19
C PHE A 59 -7.33 -26.36 -24.91
N ASP A 60 -7.78 -27.35 -24.15
CA ASP A 60 -8.57 -28.46 -24.68
C ASP A 60 -9.96 -28.30 -24.05
N VAL A 61 -10.90 -27.78 -24.84
CA VAL A 61 -12.18 -27.33 -24.28
C VAL A 61 -13.01 -28.52 -23.82
N ASP A 62 -13.00 -29.61 -24.61
N ASP A 62 -12.99 -29.61 -24.59
CA ASP A 62 -13.68 -30.84 -24.19
CA ASP A 62 -13.69 -30.82 -24.16
C ASP A 62 -13.17 -31.30 -22.83
C ASP A 62 -13.18 -31.31 -22.83
N TRP A 63 -11.85 -31.38 -22.68
CA TRP A 63 -11.27 -31.79 -21.40
C TRP A 63 -11.61 -30.79 -20.31
N LEU A 64 -11.48 -29.49 -20.61
CA LEU A 64 -11.73 -28.46 -19.58
C LEU A 64 -13.15 -28.56 -19.02
N VAL A 65 -14.16 -28.69 -19.88
CA VAL A 65 -15.53 -28.74 -19.36
C VAL A 65 -15.72 -29.95 -18.44
N LYS A 66 -15.09 -31.09 -18.78
CA LYS A 66 -15.19 -32.27 -17.93
C LYS A 66 -14.55 -32.08 -16.57
N GLN A 67 -13.69 -31.07 -16.40
CA GLN A 67 -13.08 -30.82 -15.09
C GLN A 67 -14.00 -30.07 -14.14
N TYR A 68 -14.99 -29.36 -14.67
CA TYR A 68 -15.99 -28.75 -13.80
C TYR A 68 -16.92 -29.83 -13.25
N PRO A 69 -17.45 -29.63 -12.04
CA PRO A 69 -18.46 -30.56 -11.53
C PRO A 69 -19.64 -30.62 -12.47
N PRO A 70 -20.29 -31.78 -12.59
CA PRO A 70 -21.43 -31.90 -13.53
C PRO A 70 -22.47 -30.82 -13.35
N GLU A 71 -22.83 -30.52 -12.10
CA GLU A 71 -23.86 -29.52 -11.83
C GLU A 71 -23.43 -28.11 -12.24
N PHE A 72 -22.13 -27.87 -12.46
CA PHE A 72 -21.66 -26.54 -12.81
C PHE A 72 -21.28 -26.42 -14.28
N ARG A 73 -21.44 -27.47 -15.08
CA ARG A 73 -20.84 -27.46 -16.42
C ARG A 73 -21.57 -26.57 -17.41
N LYS A 74 -22.74 -26.03 -17.09
CA LYS A 74 -23.40 -25.13 -18.00
C LYS A 74 -23.34 -23.68 -17.53
N LYS A 75 -22.75 -23.43 -16.36
CA LYS A 75 -22.48 -22.07 -15.94
C LYS A 75 -21.56 -21.40 -16.96
N PRO A 76 -21.69 -20.09 -17.15
CA PRO A 76 -20.89 -19.41 -18.16
C PRO A 76 -19.39 -19.54 -17.88
N ILE A 77 -18.63 -19.71 -18.95
CA ILE A 77 -17.17 -19.72 -18.92
C ILE A 77 -16.69 -18.74 -19.99
N LEU A 78 -15.73 -17.90 -19.62
CA LEU A 78 -15.01 -17.07 -20.58
C LEU A 78 -13.59 -17.60 -20.73
N LEU A 79 -13.18 -17.86 -21.96
CA LEU A 79 -11.81 -18.26 -22.25
C LEU A 79 -11.04 -17.03 -22.75
N VAL A 80 -9.99 -16.66 -22.03
CA VAL A 80 -9.16 -15.52 -22.40
C VAL A 80 -7.87 -16.07 -22.98
N HIS A 81 -7.62 -15.78 -24.25
CA HIS A 81 -6.54 -16.41 -25.02
C HIS A 81 -5.90 -15.34 -25.89
N GLY A 82 -4.82 -15.71 -26.58
CA GLY A 82 -4.17 -14.78 -27.50
C GLY A 82 -4.10 -15.23 -28.95
N ASP A 83 -4.85 -16.26 -29.30
CA ASP A 83 -4.71 -16.89 -30.62
C ASP A 83 -5.24 -16.00 -31.74
N LYS A 84 -4.62 -16.13 -32.91
CA LYS A 84 -4.97 -15.39 -34.11
C LYS A 84 -5.20 -16.34 -35.28
N ARG A 85 -5.91 -15.86 -36.30
CA ARG A 85 -6.01 -16.50 -37.62
C ARG A 85 -6.48 -17.95 -37.47
N GLU A 86 -5.78 -18.94 -38.03
CA GLU A 86 -6.30 -20.31 -38.03
C GLU A 86 -6.34 -20.90 -36.62
N ALA A 87 -5.30 -20.64 -35.81
CA ALA A 87 -5.34 -21.03 -34.41
C ALA A 87 -6.57 -20.47 -33.71
N LYS A 88 -6.93 -19.23 -34.01
CA LYS A 88 -8.11 -18.65 -33.41
C LYS A 88 -9.37 -19.35 -33.89
N ALA A 89 -9.43 -19.66 -35.19
CA ALA A 89 -10.57 -20.41 -35.70
C ALA A 89 -10.68 -21.77 -35.03
N HIS A 90 -9.55 -22.45 -34.83
CA HIS A 90 -9.59 -23.76 -34.20
C HIS A 90 -10.15 -23.68 -32.79
N LEU A 91 -9.79 -22.63 -32.04
CA LEU A 91 -10.28 -22.51 -30.66
C LEU A 91 -11.78 -22.25 -30.66
N HIS A 92 -12.26 -21.34 -31.52
CA HIS A 92 -13.69 -21.13 -31.64
C HIS A 92 -14.43 -22.42 -32.01
N ALA A 93 -13.83 -23.24 -32.88
CA ALA A 93 -14.46 -24.51 -33.24
C ALA A 93 -14.56 -25.45 -32.05
N GLN A 94 -13.52 -25.49 -31.21
CA GLN A 94 -13.56 -26.31 -30.00
C GLN A 94 -14.71 -25.90 -29.09
N ALA A 95 -14.97 -24.60 -28.98
CA ALA A 95 -15.92 -24.08 -28.01
C ALA A 95 -17.36 -24.04 -28.53
N LYS A 96 -17.54 -23.93 -29.85
CA LYS A 96 -18.88 -23.86 -30.43
C LYS A 96 -19.85 -24.91 -29.91
N PRO A 97 -19.49 -26.18 -29.72
CA PRO A 97 -20.44 -27.14 -29.13
C PRO A 97 -20.99 -26.73 -27.77
N TYR A 98 -20.33 -25.81 -27.06
CA TYR A 98 -20.74 -25.43 -25.70
C TYR A 98 -21.31 -24.03 -25.74
N GLU A 99 -22.64 -23.93 -25.57
CA GLU A 99 -23.31 -22.63 -25.70
C GLU A 99 -22.93 -21.65 -24.59
N ASN A 100 -22.51 -22.14 -23.44
CA ASN A 100 -22.20 -21.31 -22.28
C ASN A 100 -20.78 -20.76 -22.28
N ILE A 101 -20.01 -20.98 -23.34
CA ILE A 101 -18.62 -20.57 -23.40
C ILE A 101 -18.50 -19.37 -24.33
N SER A 102 -17.99 -18.27 -23.80
CA SER A 102 -17.58 -17.11 -24.58
C SER A 102 -16.07 -17.03 -24.60
N LEU A 103 -15.54 -16.28 -25.56
CA LEU A 103 -14.11 -16.18 -25.78
C LEU A 103 -13.71 -14.71 -25.85
N CYS A 104 -12.50 -14.43 -25.34
CA CYS A 104 -11.88 -13.11 -25.37
C CYS A 104 -10.50 -13.23 -25.96
N GLN A 105 -10.28 -12.61 -27.11
CA GLN A 105 -8.97 -12.61 -27.75
C GLN A 105 -8.16 -11.44 -27.23
N ALA A 106 -7.16 -11.73 -26.41
CA ALA A 106 -6.30 -10.66 -25.88
C ALA A 106 -5.48 -10.06 -27.02
N LYS A 107 -5.51 -8.73 -27.15
CA LYS A 107 -4.76 -8.11 -28.23
C LYS A 107 -3.27 -8.27 -28.00
N LEU A 108 -2.55 -8.60 -29.07
CA LEU A 108 -1.10 -8.79 -29.05
C LEU A 108 -0.54 -7.95 -30.19
N ASP A 109 -0.42 -6.64 -29.96
CA ASP A 109 -0.03 -5.69 -31.00
C ASP A 109 1.48 -5.56 -31.18
N ILE A 110 2.29 -6.29 -30.41
CA ILE A 110 3.74 -6.30 -30.60
C ILE A 110 4.12 -7.67 -31.12
N ALA A 111 5.07 -7.72 -32.05
CA ALA A 111 5.43 -8.98 -32.69
C ALA A 111 5.93 -10.01 -31.68
N PHE A 112 5.59 -11.27 -31.91
CA PHE A 112 6.09 -12.41 -31.15
C PHE A 112 5.65 -12.39 -29.68
N GLY A 113 4.54 -11.72 -29.36
CA GLY A 113 3.99 -11.79 -28.03
C GLY A 113 3.08 -13.00 -27.86
N THR A 114 2.87 -13.40 -26.61
CA THR A 114 1.96 -14.50 -26.32
C THR A 114 1.08 -14.13 -25.14
N HIS A 115 -0.12 -14.70 -25.12
CA HIS A 115 -0.96 -14.59 -23.92
C HIS A 115 -0.66 -15.79 -23.04
N HIS A 116 0.28 -15.59 -22.13
CA HIS A 116 0.87 -16.67 -21.34
C HIS A 116 0.27 -16.77 -19.95
N THR A 117 -0.39 -15.72 -19.46
CA THR A 117 -1.00 -15.69 -18.13
C THR A 117 -1.92 -16.87 -17.89
N LYS A 118 -1.77 -17.51 -16.73
CA LYS A 118 -2.62 -18.63 -16.33
C LYS A 118 -3.34 -18.26 -15.04
N MET A 119 -4.65 -18.03 -15.14
CA MET A 119 -5.43 -17.49 -14.05
C MET A 119 -6.89 -17.95 -14.18
N MET A 120 -7.51 -18.25 -13.05
CA MET A 120 -8.96 -18.50 -13.00
C MET A 120 -9.60 -17.43 -12.14
N LEU A 121 -10.65 -16.81 -12.65
CA LEU A 121 -11.56 -16.01 -11.82
C LEU A 121 -12.81 -16.85 -11.60
N LEU A 122 -13.10 -17.15 -10.36
CA LEU A 122 -14.20 -18.05 -10.01
C LEU A 122 -15.21 -17.25 -9.19
N LEU A 123 -16.36 -16.96 -9.79
CA LEU A 123 -17.40 -16.20 -9.11
C LEU A 123 -18.38 -17.18 -8.48
N TYR A 124 -18.53 -17.11 -7.16
CA TYR A 124 -19.46 -18.00 -6.46
C TYR A 124 -20.70 -17.24 -5.99
N GLU A 125 -21.69 -18.02 -5.58
CA GLU A 125 -22.77 -17.52 -4.74
C GLU A 125 -22.22 -16.88 -3.47
N GLU A 126 -21.17 -17.47 -2.90
CA GLU A 126 -20.65 -17.08 -1.60
C GLU A 126 -19.58 -16.00 -1.67
N GLY A 127 -19.07 -15.68 -2.86
CA GLY A 127 -17.99 -14.71 -2.96
C GLY A 127 -17.21 -14.90 -4.26
N LEU A 128 -15.92 -14.54 -4.20
CA LEU A 128 -15.04 -14.60 -5.37
C LEU A 128 -13.72 -15.26 -4.99
N ARG A 129 -13.17 -16.05 -5.91
CA ARG A 129 -11.82 -16.57 -5.71
C ARG A 129 -10.98 -16.33 -6.94
N VAL A 130 -9.71 -16.00 -6.72
CA VAL A 130 -8.74 -15.81 -7.79
C VAL A 130 -7.70 -16.92 -7.66
N VAL A 131 -7.37 -17.56 -8.79
CA VAL A 131 -6.37 -18.63 -8.85
C VAL A 131 -5.33 -18.23 -9.89
N ILE A 132 -4.07 -18.10 -9.46
CA ILE A 132 -2.98 -17.79 -10.38
C ILE A 132 -2.03 -18.98 -10.36
N HIS A 133 -1.81 -19.58 -11.53
CA HIS A 133 -1.17 -20.89 -11.56
C HIS A 133 -0.32 -20.98 -12.82
N THR A 134 0.19 -22.19 -13.13
CA THR A 134 1.18 -22.31 -14.20
C THR A 134 0.84 -23.33 -15.27
N SER A 135 -0.33 -23.97 -15.20
CA SER A 135 -0.68 -25.06 -16.12
C SER A 135 -1.58 -24.61 -17.26
N ASN A 136 -1.28 -25.09 -18.46
CA ASN A 136 -2.24 -24.99 -19.56
C ASN A 136 -3.45 -25.86 -19.25
N LEU A 137 -4.57 -25.59 -19.92
CA LEU A 137 -5.80 -26.32 -19.65
C LEU A 137 -5.93 -27.49 -20.62
N ILE A 138 -4.93 -28.38 -20.53
CA ILE A 138 -4.88 -29.63 -21.25
C ILE A 138 -4.49 -30.73 -20.28
N HIS A 139 -4.89 -31.96 -20.60
CA HIS A 139 -4.69 -33.09 -19.68
C HIS A 139 -3.22 -33.25 -19.28
N ALA A 140 -2.29 -33.16 -20.24
CA ALA A 140 -0.91 -33.46 -19.93
C ALA A 140 -0.28 -32.47 -18.94
N ASP A 141 -0.76 -31.22 -18.91
CA ASP A 141 -0.15 -30.25 -17.99
C ASP A 141 -0.50 -30.53 -16.54
N TRP A 142 -1.55 -31.32 -16.28
CA TRP A 142 -1.97 -31.65 -14.92
C TRP A 142 -1.72 -33.11 -14.56
N HIS A 143 -1.03 -33.85 -15.43
CA HIS A 143 -0.88 -35.29 -15.27
C HIS A 143 0.44 -35.63 -14.57
N GLN A 144 1.58 -35.36 -15.21
CA GLN A 144 2.85 -35.74 -14.59
C GLN A 144 3.87 -34.60 -14.57
N LYS A 145 3.42 -33.36 -14.43
CA LYS A 145 4.33 -32.22 -14.41
C LYS A 145 4.36 -31.60 -13.01
N THR A 146 5.46 -30.90 -12.72
CA THR A 146 5.50 -30.03 -11.55
C THR A 146 4.93 -28.69 -11.96
N GLN A 147 3.81 -28.30 -11.34
CA GLN A 147 3.13 -27.04 -11.62
C GLN A 147 2.78 -26.37 -10.29
N GLY A 148 2.68 -25.03 -10.30
CA GLY A 148 2.40 -24.27 -9.08
C GLY A 148 1.04 -23.62 -9.13
N ILE A 149 0.42 -23.45 -7.96
CA ILE A 149 -0.91 -22.83 -7.81
C ILE A 149 -0.88 -21.90 -6.62
N TRP A 150 -1.35 -20.67 -6.79
CA TRP A 150 -1.71 -19.81 -5.66
C TRP A 150 -3.23 -19.68 -5.58
N LEU A 151 -3.79 -19.96 -4.40
CA LEU A 151 -5.23 -19.88 -4.15
C LEU A 151 -5.51 -18.67 -3.29
N SER A 152 -6.29 -17.74 -3.82
CA SER A 152 -6.75 -16.62 -3.01
C SER A 152 -7.70 -17.12 -1.91
N PRO A 153 -7.88 -16.34 -0.85
CA PRO A 153 -8.99 -16.59 0.07
C PRO A 153 -10.31 -16.45 -0.66
N LEU A 154 -11.38 -16.94 -0.04
CA LEU A 154 -12.73 -16.64 -0.52
C LEU A 154 -13.02 -15.17 -0.22
N TYR A 155 -13.16 -14.36 -1.25
CA TYR A 155 -13.39 -12.93 -1.04
C TYR A 155 -14.89 -12.66 -0.93
N PRO A 156 -15.38 -12.13 0.18
CA PRO A 156 -16.82 -11.88 0.30
C PRO A 156 -17.24 -10.67 -0.52
N ARG A 157 -18.54 -10.64 -0.85
CA ARG A 157 -19.07 -9.48 -1.54
C ARG A 157 -19.19 -8.31 -0.56
N ILE A 158 -18.97 -7.10 -1.07
CA ILE A 158 -19.22 -5.91 -0.27
C ILE A 158 -20.71 -5.60 -0.36
N ALA A 159 -21.33 -5.36 0.80
CA ALA A 159 -22.75 -5.07 0.87
C ALA A 159 -23.12 -3.90 -0.03
N ASP A 160 -24.23 -4.04 -0.76
CA ASP A 160 -24.76 -2.93 -1.55
C ASP A 160 -25.07 -1.75 -0.64
N GLY A 161 -24.60 -0.57 -1.04
CA GLY A 161 -24.73 0.62 -0.21
C GLY A 161 -23.55 0.89 0.70
N THR A 162 -22.77 -0.13 1.05
CA THR A 162 -21.55 0.08 1.83
C THR A 162 -20.44 0.61 0.94
N HIS A 163 -19.73 1.63 1.40
CA HIS A 163 -18.58 2.19 0.68
C HIS A 163 -17.32 1.82 1.45
N LYS A 164 -16.59 0.84 0.92
CA LYS A 164 -15.25 0.55 1.41
C LYS A 164 -14.39 0.09 0.24
N SER A 165 -13.08 0.25 0.42
CA SER A 165 -12.16 -0.04 -0.69
C SER A 165 -12.14 -1.53 -1.00
N GLY A 166 -12.27 -2.37 0.04
CA GLY A 166 -11.98 -3.80 -0.13
C GLY A 166 -10.54 -4.07 -0.50
N GLU A 167 -9.65 -3.13 -0.22
CA GLU A 167 -8.26 -3.22 -0.68
C GLU A 167 -7.39 -3.86 0.40
N SER A 168 -6.33 -4.53 -0.06
N SER A 168 -6.33 -4.53 -0.06
CA SER A 168 -5.38 -5.21 0.82
CA SER A 168 -5.38 -5.20 0.83
C SER A 168 -4.17 -4.32 1.10
C SER A 168 -4.17 -4.31 1.10
N PRO A 169 -3.38 -4.62 2.13
CA PRO A 169 -2.12 -3.88 2.32
C PRO A 169 -1.17 -4.01 1.14
N THR A 170 -1.30 -5.06 0.33
CA THR A 170 -0.45 -5.23 -0.85
C THR A 170 -1.03 -4.59 -2.12
N HIS A 171 -2.18 -3.90 -2.03
CA HIS A 171 -2.78 -3.21 -3.17
C HIS A 171 -3.24 -4.20 -4.24
N PHE A 172 -3.47 -5.46 -3.85
CA PHE A 172 -3.79 -6.51 -4.82
C PHE A 172 -5.06 -6.19 -5.61
N LYS A 173 -6.06 -5.61 -4.95
CA LYS A 173 -7.32 -5.40 -5.67
C LYS A 173 -7.14 -4.40 -6.80
N ALA A 174 -6.57 -3.23 -6.48
CA ALA A 174 -6.27 -2.25 -7.52
C ALA A 174 -5.32 -2.81 -8.58
N ASP A 175 -4.30 -3.58 -8.16
CA ASP A 175 -3.33 -4.06 -9.14
C ASP A 175 -3.96 -5.09 -10.08
N LEU A 176 -4.81 -5.96 -9.56
CA LEU A 176 -5.48 -6.92 -10.43
C LEU A 176 -6.40 -6.20 -11.42
N ILE A 177 -7.14 -5.20 -10.94
CA ILE A 177 -8.03 -4.45 -11.84
C ILE A 177 -7.20 -3.78 -12.92
N SER A 178 -6.06 -3.19 -12.53
N SER A 178 -6.05 -3.20 -12.54
CA SER A 178 -5.17 -2.55 -13.50
CA SER A 178 -5.21 -2.54 -13.54
C SER A 178 -4.71 -3.53 -14.55
C SER A 178 -4.69 -3.53 -14.57
N TYR A 179 -4.31 -4.73 -14.13
CA TYR A 179 -3.90 -5.77 -15.07
C TYR A 179 -5.02 -6.05 -16.08
N LEU A 180 -6.24 -6.26 -15.59
CA LEU A 180 -7.37 -6.55 -16.47
C LEU A 180 -7.72 -5.35 -17.36
N MET A 181 -7.59 -4.12 -16.85
N MET A 181 -7.59 -4.13 -16.84
CA MET A 181 -7.89 -2.96 -17.69
CA MET A 181 -7.85 -2.94 -17.66
C MET A 181 -6.97 -2.90 -18.91
C MET A 181 -6.97 -2.91 -18.90
N ALA A 182 -5.74 -3.41 -18.79
CA ALA A 182 -4.79 -3.35 -19.89
C ALA A 182 -5.30 -4.06 -21.14
N TYR A 183 -6.17 -5.07 -20.98
CA TYR A 183 -6.72 -5.79 -22.13
C TYR A 183 -7.66 -4.93 -22.98
N ASN A 184 -8.31 -3.94 -22.37
CA ASN A 184 -9.27 -3.10 -23.07
C ASN A 184 -10.39 -3.94 -23.67
N ALA A 185 -10.89 -4.90 -22.91
CA ALA A 185 -11.78 -5.92 -23.46
C ALA A 185 -13.14 -5.87 -22.78
N PRO A 186 -14.25 -5.85 -23.54
CA PRO A 186 -15.57 -5.73 -22.91
C PRO A 186 -15.89 -6.86 -21.96
N SER A 187 -15.53 -8.10 -22.30
CA SER A 187 -15.84 -9.19 -21.39
C SER A 187 -15.04 -9.10 -20.10
N LEU A 188 -13.90 -8.41 -20.12
CA LEU A 188 -13.14 -8.33 -18.88
C LEU A 188 -13.52 -7.11 -18.05
N LYS A 189 -14.18 -6.11 -18.64
CA LYS A 189 -14.76 -5.05 -17.82
C LYS A 189 -15.84 -5.62 -16.90
N GLU A 190 -16.63 -6.57 -17.42
CA GLU A 190 -17.58 -7.29 -16.57
C GLU A 190 -16.88 -7.84 -15.33
N TRP A 191 -15.75 -8.53 -15.55
CA TRP A 191 -15.04 -9.11 -14.42
C TRP A 191 -14.43 -8.03 -13.52
N ILE A 192 -13.95 -6.93 -14.11
CA ILE A 192 -13.51 -5.80 -13.29
C ILE A 192 -14.63 -5.33 -12.37
N ASP A 193 -15.84 -5.19 -12.90
CA ASP A 193 -16.94 -4.74 -12.04
C ASP A 193 -17.27 -5.75 -10.96
N VAL A 194 -17.11 -7.06 -11.25
CA VAL A 194 -17.25 -8.10 -10.23
C VAL A 194 -16.22 -7.92 -9.13
N ILE A 195 -14.96 -7.73 -9.51
CA ILE A 195 -13.91 -7.53 -8.51
C ILE A 195 -14.19 -6.29 -7.66
N HIS A 196 -14.60 -5.18 -8.28
CA HIS A 196 -14.93 -3.97 -7.51
C HIS A 196 -15.91 -4.27 -6.39
N LYS A 197 -16.84 -5.18 -6.62
CA LYS A 197 -17.90 -5.51 -5.67
C LYS A 197 -17.46 -6.43 -4.54
N HIS A 198 -16.21 -6.90 -4.52
CA HIS A 198 -15.79 -7.85 -3.50
C HIS A 198 -14.68 -7.25 -2.64
N ASP A 199 -14.53 -7.84 -1.46
CA ASP A 199 -13.57 -7.41 -0.45
C ASP A 199 -12.34 -8.31 -0.56
N LEU A 200 -11.25 -7.76 -1.11
CA LEU A 200 -10.00 -8.51 -1.28
C LEU A 200 -8.97 -8.16 -0.21
N SER A 201 -9.40 -7.57 0.91
CA SER A 201 -8.46 -7.00 1.87
C SER A 201 -7.57 -8.06 2.52
N GLU A 202 -7.97 -9.31 2.52
CA GLU A 202 -7.17 -10.34 3.19
C GLU A 202 -5.96 -10.78 2.37
N THR A 203 -5.81 -10.32 1.13
CA THR A 203 -4.72 -10.78 0.27
C THR A 203 -3.36 -10.36 0.80
N ASN A 204 -2.47 -11.33 0.99
CA ASN A 204 -1.13 -11.07 1.51
C ASN A 204 -0.03 -11.24 0.45
N VAL A 205 -0.37 -11.35 -0.83
CA VAL A 205 0.63 -11.42 -1.90
C VAL A 205 0.52 -10.18 -2.77
N TYR A 206 1.64 -9.86 -3.43
CA TYR A 206 1.71 -8.76 -4.40
C TYR A 206 1.58 -9.32 -5.81
N LEU A 207 0.77 -8.65 -6.62
CA LEU A 207 0.60 -9.05 -8.02
C LEU A 207 1.79 -8.55 -8.85
N ILE A 208 2.35 -9.42 -9.67
CA ILE A 208 3.35 -9.00 -10.65
C ILE A 208 2.86 -9.46 -12.02
N GLY A 209 2.51 -8.50 -12.87
CA GLY A 209 1.97 -8.81 -14.17
C GLY A 209 2.85 -8.26 -15.25
N SER A 210 2.73 -8.84 -16.44
CA SER A 210 3.32 -8.29 -17.64
C SER A 210 2.15 -8.11 -18.60
N THR A 211 2.15 -7.01 -19.33
N THR A 211 2.11 -6.97 -19.28
CA THR A 211 1.19 -6.78 -20.40
CA THR A 211 1.19 -6.75 -20.40
C THR A 211 1.94 -6.11 -21.54
C THR A 211 1.99 -6.16 -21.55
N PRO A 212 1.54 -6.36 -22.80
CA PRO A 212 2.32 -5.85 -23.93
C PRO A 212 2.31 -4.34 -23.97
N GLY A 213 3.44 -3.75 -24.30
CA GLY A 213 3.48 -2.32 -24.51
C GLY A 213 4.88 -1.76 -24.33
N ARG A 214 4.95 -0.44 -24.43
N ARG A 214 4.94 -0.44 -24.41
CA ARG A 214 6.19 0.31 -24.24
CA ARG A 214 6.19 0.31 -24.24
C ARG A 214 5.91 1.35 -23.16
C ARG A 214 5.95 1.36 -23.18
N PHE A 215 6.54 1.17 -22.01
CA PHE A 215 6.20 1.92 -20.81
C PHE A 215 7.34 2.85 -20.41
N GLN A 216 7.00 4.12 -20.20
CA GLN A 216 7.98 5.10 -19.76
C GLN A 216 7.40 5.90 -18.61
N GLY A 217 8.25 6.71 -17.97
CA GLY A 217 7.77 7.61 -16.93
C GLY A 217 7.08 6.86 -15.80
N SER A 218 5.87 7.31 -15.47
CA SER A 218 5.16 6.74 -14.32
C SER A 218 4.74 5.29 -14.55
N GLN A 219 4.65 4.84 -15.80
CA GLN A 219 4.19 3.49 -16.10
C GLN A 219 5.31 2.46 -16.11
N LYS A 220 6.55 2.92 -16.08
CA LYS A 220 7.72 2.03 -16.14
C LYS A 220 7.67 0.97 -15.04
N ASP A 221 7.25 1.35 -13.83
CA ASP A 221 7.28 0.45 -12.67
C ASP A 221 6.07 -0.46 -12.59
N ASN A 222 5.14 -0.37 -13.54
CA ASN A 222 3.88 -1.10 -13.46
C ASN A 222 4.01 -2.58 -13.77
N TRP A 223 5.02 -2.99 -14.55
CA TRP A 223 5.00 -4.32 -15.14
C TRP A 223 6.39 -4.93 -15.19
N GLY A 224 6.42 -6.25 -15.41
CA GLY A 224 7.66 -6.93 -15.73
C GLY A 224 8.69 -6.81 -14.64
N HIS A 225 9.96 -6.85 -15.03
CA HIS A 225 10.97 -6.90 -13.99
C HIS A 225 11.13 -5.54 -13.29
N PHE A 226 10.68 -4.44 -13.88
CA PHE A 226 10.64 -3.18 -13.13
C PHE A 226 9.58 -3.20 -12.03
N ARG A 227 8.47 -3.90 -12.24
CA ARG A 227 7.49 -4.06 -11.18
C ARG A 227 8.10 -4.80 -10.01
N LEU A 228 8.82 -5.89 -10.29
CA LEU A 228 9.49 -6.63 -9.23
C LEU A 228 10.47 -5.74 -8.48
N LYS A 229 11.29 -5.00 -9.23
CA LYS A 229 12.25 -4.09 -8.64
C LYS A 229 11.57 -3.08 -7.72
N LYS A 230 10.48 -2.48 -8.21
CA LYS A 230 9.75 -1.47 -7.44
C LYS A 230 9.26 -2.06 -6.11
N LEU A 231 8.68 -3.26 -6.15
CA LEU A 231 8.18 -3.90 -4.94
C LEU A 231 9.32 -4.24 -3.97
N LEU A 232 10.43 -4.77 -4.48
CA LEU A 232 11.56 -5.12 -3.61
C LEU A 232 12.18 -3.87 -3.00
N LYS A 233 12.24 -2.78 -3.77
CA LYS A 233 12.74 -1.52 -3.23
C LYS A 233 11.86 -1.04 -2.08
N ASP A 234 10.53 -1.11 -2.24
CA ASP A 234 9.58 -0.53 -1.31
C ASP A 234 9.24 -1.43 -0.11
N HIS A 235 9.31 -2.75 -0.25
CA HIS A 235 8.70 -3.63 0.73
C HIS A 235 9.63 -4.75 1.21
N ALA A 236 10.89 -4.71 0.82
CA ALA A 236 11.92 -5.59 1.36
C ALA A 236 13.04 -4.74 1.92
N SER A 237 13.85 -5.33 2.78
CA SER A 237 14.96 -4.65 3.42
C SER A 237 16.26 -5.30 3.00
N SER A 238 17.31 -4.48 2.83
CA SER A 238 18.61 -5.03 2.54
C SER A 238 19.29 -5.42 3.85
N MET A 239 19.93 -6.58 3.84
CA MET A 239 20.63 -7.11 4.99
C MET A 239 22.13 -7.00 4.79
N PRO A 240 22.92 -7.10 5.86
CA PRO A 240 24.38 -7.13 5.67
C PRO A 240 24.78 -8.39 4.91
N ASN A 241 25.80 -8.24 4.08
CA ASN A 241 26.26 -9.33 3.23
C ASN A 241 25.17 -9.77 2.27
N ALA A 242 24.33 -8.82 1.83
CA ALA A 242 23.32 -9.10 0.81
C ALA A 242 23.95 -9.61 -0.46
N GLU A 243 25.19 -9.21 -0.76
CA GLU A 243 25.87 -9.67 -1.95
C GLU A 243 26.05 -11.17 -1.96
N SER A 244 26.00 -11.81 -0.79
CA SER A 244 26.15 -13.25 -0.69
C SER A 244 24.83 -14.01 -0.82
N TRP A 245 23.69 -13.33 -0.88
CA TRP A 245 22.40 -14.01 -1.02
C TRP A 245 22.17 -14.27 -2.51
N PRO A 246 22.16 -15.51 -2.96
CA PRO A 246 22.04 -15.76 -4.39
C PRO A 246 20.68 -15.33 -4.91
N VAL A 247 20.58 -15.34 -6.23
CA VAL A 247 19.30 -15.28 -6.93
C VAL A 247 19.09 -16.62 -7.61
N VAL A 248 17.85 -17.14 -7.53
CA VAL A 248 17.52 -18.41 -8.17
C VAL A 248 16.37 -18.17 -9.15
N GLY A 249 16.57 -18.57 -10.40
CA GLY A 249 15.51 -18.56 -11.40
C GLY A 249 15.28 -19.95 -11.94
N GLN A 250 14.00 -20.30 -12.14
CA GLN A 250 13.59 -21.66 -12.43
C GLN A 250 12.44 -21.60 -13.41
N PHE A 251 12.57 -22.26 -14.56
CA PHE A 251 11.69 -21.98 -15.69
C PHE A 251 11.67 -23.16 -16.63
N SER A 252 10.76 -23.10 -17.59
CA SER A 252 10.61 -24.20 -18.55
C SER A 252 10.88 -23.78 -19.98
N SER A 253 11.26 -22.53 -20.23
CA SER A 253 11.54 -22.06 -21.57
C SER A 253 12.55 -20.93 -21.49
N VAL A 254 13.37 -20.80 -22.55
CA VAL A 254 14.40 -19.77 -22.59
C VAL A 254 14.29 -19.04 -23.92
N GLY A 255 14.28 -17.71 -23.87
CA GLY A 255 14.30 -16.88 -25.06
C GLY A 255 15.71 -16.52 -25.46
N SER A 256 15.81 -15.73 -26.52
N SER A 256 15.81 -15.74 -26.53
CA SER A 256 17.10 -15.19 -26.94
CA SER A 256 17.09 -15.17 -26.94
C SER A 256 17.50 -14.05 -26.01
C SER A 256 17.48 -14.05 -25.98
N LEU A 257 18.59 -14.23 -25.28
CA LEU A 257 19.01 -13.25 -24.28
C LEU A 257 20.15 -12.35 -24.75
N GLY A 258 20.76 -12.65 -25.88
CA GLY A 258 21.85 -11.85 -26.40
C GLY A 258 23.15 -12.62 -26.41
N ALA A 259 24.17 -11.97 -26.96
CA ALA A 259 25.46 -12.62 -27.26
C ALA A 259 26.36 -12.77 -26.03
N ASP A 260 26.06 -12.07 -24.94
CA ASP A 260 26.75 -12.32 -23.67
C ASP A 260 25.84 -11.88 -22.53
N GLU A 261 26.30 -12.16 -21.31
CA GLU A 261 25.47 -11.92 -20.13
C GLU A 261 25.22 -10.45 -19.86
N SER A 262 26.09 -9.57 -20.34
CA SER A 262 25.91 -8.14 -20.10
C SER A 262 24.76 -7.56 -20.91
N LYS A 263 24.30 -8.27 -21.95
CA LYS A 263 23.29 -7.70 -22.84
C LYS A 263 21.93 -7.57 -22.16
N TRP A 264 21.55 -8.53 -21.30
CA TRP A 264 20.26 -8.43 -20.61
C TRP A 264 20.24 -9.18 -19.29
N LEU A 265 20.81 -10.39 -19.29
CA LEU A 265 20.62 -11.31 -18.17
C LEU A 265 21.17 -10.73 -16.88
N CYS A 266 22.45 -10.34 -16.88
CA CYS A 266 23.03 -9.74 -15.69
C CYS A 266 22.99 -8.22 -15.66
N SER A 267 22.52 -7.56 -16.71
CA SER A 267 22.51 -6.11 -16.67
C SER A 267 21.19 -5.53 -16.19
N GLU A 268 20.07 -6.00 -16.70
CA GLU A 268 18.83 -5.49 -16.16
C GLU A 268 17.99 -6.52 -15.44
N PHE A 269 17.94 -7.78 -15.92
CA PHE A 269 17.19 -8.81 -15.22
C PHE A 269 17.76 -9.09 -13.84
N LYS A 270 19.03 -9.51 -13.77
CA LYS A 270 19.65 -9.76 -12.47
C LYS A 270 19.60 -8.50 -11.60
N GLU A 271 19.86 -7.34 -12.19
CA GLU A 271 19.89 -6.11 -11.42
C GLU A 271 18.54 -5.83 -10.76
N SER A 272 17.44 -6.09 -11.48
CA SER A 272 16.12 -5.95 -10.86
C SER A 272 15.95 -6.99 -9.75
N MET A 273 16.46 -8.19 -9.96
CA MET A 273 16.21 -9.28 -9.03
C MET A 273 17.07 -9.20 -7.76
N LEU A 274 18.21 -8.49 -7.82
N LEU A 274 18.19 -8.49 -7.79
CA LEU A 274 19.05 -8.27 -6.65
CA LEU A 274 19.00 -8.34 -6.60
C LEU A 274 18.52 -7.20 -5.71
C LEU A 274 18.61 -7.13 -5.76
N THR A 275 17.62 -6.35 -6.20
CA THR A 275 17.14 -5.21 -5.44
C THR A 275 16.61 -5.62 -4.06
N LEU A 276 17.00 -4.86 -3.04
CA LEU A 276 16.42 -4.98 -1.70
C LEU A 276 16.49 -3.62 -1.05
N GLY A 277 15.35 -3.05 -0.69
CA GLY A 277 15.35 -1.80 0.03
C GLY A 277 15.67 -0.61 -0.85
N LYS A 278 15.61 0.56 -0.21
CA LYS A 278 15.58 1.85 -0.87
C LYS A 278 16.96 2.42 -1.19
N GLU A 279 18.02 1.83 -0.65
CA GLU A 279 19.35 2.41 -0.78
C GLU A 279 19.95 2.06 -2.14
N SER A 280 21.13 2.60 -2.42
CA SER A 280 21.78 2.40 -3.71
C SER A 280 22.90 1.38 -3.65
N SER A 286 28.21 -6.74 -10.05
CA SER A 286 27.78 -7.55 -8.93
C SER A 286 28.35 -8.97 -8.89
N SER A 287 28.64 -9.44 -7.68
CA SER A 287 29.08 -10.81 -7.45
C SER A 287 28.00 -11.65 -6.77
N VAL A 288 26.75 -11.19 -6.78
CA VAL A 288 25.65 -12.05 -6.33
C VAL A 288 25.60 -13.29 -7.21
N PRO A 289 25.62 -14.50 -6.65
CA PRO A 289 25.52 -15.71 -7.48
C PRO A 289 24.14 -15.82 -8.13
N LEU A 290 24.10 -16.29 -9.36
CA LEU A 290 22.86 -16.49 -10.10
C LEU A 290 22.76 -17.97 -10.49
N TYR A 291 21.76 -18.66 -9.94
CA TYR A 291 21.49 -20.05 -10.27
C TYR A 291 20.27 -20.10 -11.19
N LEU A 292 20.41 -20.74 -12.33
CA LEU A 292 19.28 -20.97 -13.23
C LEU A 292 18.99 -22.47 -13.26
N ILE A 293 17.74 -22.84 -13.03
CA ILE A 293 17.34 -24.24 -12.98
C ILE A 293 16.50 -24.54 -14.22
N TYR A 294 16.99 -25.48 -15.03
CA TYR A 294 16.31 -25.82 -16.26
C TYR A 294 16.62 -27.27 -16.63
N PRO A 295 15.62 -28.10 -16.96
CA PRO A 295 15.86 -29.55 -17.11
C PRO A 295 16.94 -29.86 -18.13
N SER A 296 17.88 -30.74 -17.75
CA SER A 296 18.85 -31.33 -18.65
C SER A 296 18.19 -32.38 -19.55
N VAL A 297 18.88 -32.79 -20.61
CA VAL A 297 18.38 -33.88 -21.45
C VAL A 297 18.15 -35.13 -20.62
N GLU A 298 19.09 -35.43 -19.72
N GLU A 298 19.09 -35.43 -19.72
CA GLU A 298 18.93 -36.62 -18.88
CA GLU A 298 18.94 -36.61 -18.87
C GLU A 298 17.73 -36.48 -17.93
C GLU A 298 17.74 -36.47 -17.93
N ASN A 299 17.49 -35.26 -17.41
CA ASN A 299 16.29 -35.02 -16.60
C ASN A 299 15.05 -35.43 -17.39
N VAL A 300 14.97 -35.02 -18.65
CA VAL A 300 13.78 -35.27 -19.46
C VAL A 300 13.70 -36.75 -19.84
N ARG A 301 14.82 -37.33 -20.27
CA ARG A 301 14.83 -38.74 -20.71
C ARG A 301 14.30 -39.67 -19.63
N THR A 302 14.75 -39.48 -18.39
CA THR A 302 14.36 -40.37 -17.30
C THR A 302 13.11 -39.91 -16.56
N SER A 303 12.38 -38.91 -17.09
CA SER A 303 11.18 -38.40 -16.45
C SER A 303 10.02 -39.38 -16.61
N LEU A 304 8.97 -39.13 -15.81
CA LEU A 304 7.75 -39.94 -15.88
C LEU A 304 7.20 -39.98 -17.30
N GLU A 305 7.19 -38.82 -17.99
CA GLU A 305 6.68 -38.75 -19.35
C GLU A 305 7.68 -39.22 -20.40
N GLY A 306 8.97 -39.18 -20.09
CA GLY A 306 9.96 -39.44 -21.09
C GLY A 306 10.16 -38.21 -21.96
N TYR A 307 10.76 -38.43 -23.12
CA TYR A 307 11.04 -37.35 -24.05
C TYR A 307 9.81 -36.47 -24.36
N PRO A 308 8.58 -37.01 -24.42
CA PRO A 308 7.42 -36.13 -24.65
C PRO A 308 7.31 -34.96 -23.69
N ALA A 309 7.85 -35.07 -22.47
CA ALA A 309 7.88 -33.92 -21.57
C ALA A 309 8.57 -32.74 -22.22
N GLY A 310 9.55 -33.00 -23.09
CA GLY A 310 10.28 -31.95 -23.79
C GLY A 310 9.43 -31.16 -24.76
N GLY A 311 8.26 -31.68 -25.15
CA GLY A 311 7.31 -30.90 -25.91
C GLY A 311 6.83 -29.66 -25.18
N SER A 312 6.97 -29.63 -23.85
CA SER A 312 6.57 -28.50 -23.02
C SER A 312 7.76 -27.77 -22.41
N LEU A 313 8.96 -27.99 -22.96
CA LEU A 313 10.17 -27.29 -22.56
C LEU A 313 10.74 -26.65 -23.83
N PRO A 314 10.11 -25.59 -24.32
CA PRO A 314 10.46 -25.05 -25.63
C PRO A 314 11.75 -24.25 -25.58
N TYR A 315 12.86 -24.86 -25.99
CA TYR A 315 14.14 -24.17 -26.15
C TYR A 315 14.69 -24.67 -27.48
N SER A 316 14.68 -23.80 -28.49
CA SER A 316 15.03 -24.20 -29.85
C SER A 316 16.53 -24.13 -30.07
N ILE A 317 17.04 -25.01 -30.93
CA ILE A 317 18.48 -25.05 -31.17
C ILE A 317 18.96 -23.75 -31.79
N GLN A 318 18.09 -23.08 -32.56
CA GLN A 318 18.47 -21.83 -33.21
C GLN A 318 18.85 -20.77 -32.18
N THR A 319 18.04 -20.67 -31.12
CA THR A 319 18.35 -19.71 -30.07
C THR A 319 19.53 -20.17 -29.21
N ALA A 320 19.56 -21.46 -28.85
CA ALA A 320 20.57 -21.95 -27.91
C ALA A 320 21.97 -21.74 -28.47
N GLU A 321 22.18 -22.01 -29.75
CA GLU A 321 23.54 -21.96 -30.28
C GLU A 321 24.09 -20.53 -30.35
N LYS A 322 23.24 -19.52 -30.20
CA LYS A 322 23.68 -18.14 -30.14
C LYS A 322 24.10 -17.70 -28.74
N GLN A 323 23.89 -18.53 -27.72
CA GLN A 323 24.11 -18.09 -26.35
C GLN A 323 24.63 -19.26 -25.50
N ASN A 324 25.61 -19.99 -26.03
CA ASN A 324 26.20 -21.07 -25.25
C ASN A 324 26.73 -20.58 -23.90
N TRP A 325 27.07 -19.29 -23.80
CA TRP A 325 27.51 -18.72 -22.52
C TRP A 325 26.49 -18.96 -21.42
N LEU A 326 25.20 -18.96 -21.76
CA LEU A 326 24.14 -19.08 -20.76
C LEU A 326 24.19 -20.40 -20.03
N HIS A 327 24.64 -21.47 -20.70
CA HIS A 327 24.44 -22.79 -20.14
C HIS A 327 25.32 -23.05 -18.94
N SER A 328 26.40 -22.29 -18.77
N SER A 328 26.40 -22.29 -18.77
CA SER A 328 27.20 -22.43 -17.56
CA SER A 328 27.21 -22.40 -17.58
C SER A 328 26.47 -21.95 -16.31
C SER A 328 26.46 -21.97 -16.31
N TYR A 329 25.32 -21.30 -16.46
CA TYR A 329 24.47 -20.96 -15.31
C TYR A 329 23.48 -22.06 -14.96
N PHE A 330 23.39 -23.10 -15.78
CA PHE A 330 22.27 -24.03 -15.68
C PHE A 330 22.51 -25.10 -14.63
N HIS A 331 21.45 -25.40 -13.88
CA HIS A 331 21.44 -26.40 -12.82
C HIS A 331 20.33 -27.39 -13.10
N LYS A 332 20.54 -28.64 -12.66
CA LYS A 332 19.59 -29.71 -12.97
C LYS A 332 18.28 -29.50 -12.21
N TRP A 333 17.22 -30.09 -12.76
CA TRP A 333 15.97 -30.15 -12.01
C TRP A 333 16.08 -31.25 -10.96
N SER A 334 15.82 -30.89 -9.70
CA SER A 334 15.82 -31.88 -8.64
C SER A 334 14.78 -31.46 -7.64
N ALA A 335 13.95 -32.41 -7.20
CA ALA A 335 12.82 -32.06 -6.33
C ALA A 335 12.49 -33.21 -5.41
N GLU A 336 13.51 -33.84 -4.82
CA GLU A 336 13.27 -34.86 -3.80
C GLU A 336 12.38 -34.34 -2.68
N THR A 337 12.49 -33.04 -2.35
CA THR A 337 11.71 -32.49 -1.26
C THR A 337 10.21 -32.66 -1.49
N SER A 338 9.78 -32.73 -2.74
CA SER A 338 8.36 -32.91 -3.04
C SER A 338 8.10 -34.17 -3.86
N GLY A 339 9.05 -35.12 -3.84
CA GLY A 339 8.94 -36.35 -4.61
C GLY A 339 8.78 -36.15 -6.10
N ARG A 340 9.26 -35.02 -6.63
CA ARG A 340 8.93 -34.64 -8.00
C ARG A 340 10.15 -34.52 -8.92
N SER A 341 11.28 -35.15 -8.57
CA SER A 341 12.44 -35.07 -9.45
C SER A 341 12.15 -35.60 -10.85
N ASN A 342 11.24 -36.54 -10.97
CA ASN A 342 10.93 -37.09 -12.29
C ASN A 342 9.67 -36.49 -12.92
N ALA A 343 9.10 -35.45 -12.30
CA ALA A 343 7.94 -34.75 -12.83
C ALA A 343 8.44 -33.42 -13.38
N MET A 344 8.53 -33.31 -14.70
CA MET A 344 9.25 -32.19 -15.29
C MET A 344 8.58 -30.87 -14.94
N PRO A 345 9.35 -29.81 -14.73
CA PRO A 345 8.79 -28.53 -14.30
C PRO A 345 8.12 -27.78 -15.45
N HIS A 346 6.89 -27.38 -15.24
CA HIS A 346 6.28 -26.33 -16.04
C HIS A 346 5.93 -25.12 -15.18
N ILE A 347 6.07 -25.25 -13.85
CA ILE A 347 6.06 -24.11 -12.94
C ILE A 347 7.25 -23.21 -13.26
N LYS A 348 7.11 -21.92 -12.97
CA LYS A 348 8.23 -20.98 -13.01
C LYS A 348 8.32 -20.31 -11.66
N THR A 349 9.53 -20.24 -11.10
CA THR A 349 9.71 -19.60 -9.80
C THR A 349 11.01 -18.81 -9.79
N TYR A 350 11.02 -17.77 -8.97
CA TYR A 350 12.21 -16.95 -8.75
C TYR A 350 12.24 -16.63 -7.26
N MET A 351 13.44 -16.60 -6.68
CA MET A 351 13.53 -16.39 -5.24
C MET A 351 14.95 -15.95 -4.86
N ARG A 352 15.09 -15.51 -3.60
CA ARG A 352 16.33 -14.94 -3.09
C ARG A 352 16.73 -15.63 -1.79
N PRO A 353 17.42 -16.77 -1.85
CA PRO A 353 17.80 -17.48 -0.63
C PRO A 353 19.03 -16.91 0.06
N SER A 354 19.16 -17.26 1.34
CA SER A 354 20.36 -16.94 2.12
C SER A 354 21.55 -17.74 1.56
N PRO A 355 22.78 -17.32 1.88
CA PRO A 355 23.97 -18.02 1.37
C PRO A 355 23.98 -19.50 1.69
N ASP A 356 23.38 -19.92 2.79
CA ASP A 356 23.25 -21.34 3.10
C ASP A 356 21.89 -21.91 2.72
N PHE A 357 21.07 -21.17 1.98
CA PHE A 357 19.79 -21.64 1.44
C PHE A 357 18.80 -22.04 2.52
N SER A 358 19.03 -21.62 3.78
CA SER A 358 18.12 -21.93 4.87
C SER A 358 16.98 -20.93 5.01
N LYS A 359 17.12 -19.73 4.45
CA LYS A 359 16.09 -18.70 4.47
C LYS A 359 15.90 -18.17 3.05
N ILE A 360 14.80 -17.47 2.81
CA ILE A 360 14.65 -16.72 1.57
C ILE A 360 14.07 -15.35 1.88
N ALA A 361 14.54 -14.34 1.14
CA ALA A 361 14.05 -12.97 1.30
C ALA A 361 12.74 -12.72 0.57
N TRP A 362 12.37 -13.60 -0.36
CA TRP A 362 11.11 -13.49 -1.10
C TRP A 362 11.00 -14.68 -2.05
N PHE A 363 9.78 -14.92 -2.53
CA PHE A 363 9.52 -16.01 -3.46
C PHE A 363 8.45 -15.58 -4.44
N LEU A 364 8.66 -15.87 -5.71
CA LEU A 364 7.72 -15.51 -6.77
C LEU A 364 7.35 -16.77 -7.54
N VAL A 365 6.07 -16.98 -7.78
CA VAL A 365 5.61 -18.00 -8.73
C VAL A 365 4.88 -17.28 -9.84
N THR A 366 5.16 -17.65 -11.08
CA THR A 366 4.65 -16.85 -12.18
C THR A 366 4.56 -17.69 -13.45
N SER A 367 3.93 -17.12 -14.49
CA SER A 367 4.00 -17.75 -15.79
C SER A 367 5.27 -17.37 -16.54
N ALA A 368 6.02 -16.38 -16.05
CA ALA A 368 7.09 -15.79 -16.85
C ALA A 368 8.31 -16.71 -16.93
N ASN A 369 8.73 -17.06 -18.15
CA ASN A 369 9.93 -17.86 -18.38
C ASN A 369 11.16 -16.95 -18.43
N LEU A 370 12.33 -17.49 -18.78
CA LEU A 370 13.54 -16.67 -18.82
C LEU A 370 13.61 -16.06 -20.21
N SER A 371 12.94 -14.92 -20.36
CA SER A 371 12.63 -14.37 -21.68
C SER A 371 12.44 -12.87 -21.57
N LYS A 372 13.04 -12.14 -22.52
CA LYS A 372 12.82 -10.70 -22.62
C LYS A 372 11.37 -10.39 -22.97
N ALA A 373 10.73 -11.29 -23.72
CA ALA A 373 9.33 -11.09 -24.07
C ALA A 373 8.46 -11.00 -22.83
N ALA A 374 8.73 -11.86 -21.85
CA ALA A 374 7.92 -11.97 -20.64
C ALA A 374 8.26 -10.88 -19.63
N TRP A 375 9.54 -10.59 -19.44
CA TRP A 375 9.98 -9.73 -18.37
C TRP A 375 10.18 -8.29 -18.79
N GLY A 376 10.31 -8.02 -20.09
CA GLY A 376 10.56 -6.67 -20.54
C GLY A 376 12.04 -6.42 -20.81
N ALA A 377 12.31 -5.56 -21.77
CA ALA A 377 13.67 -5.16 -22.12
C ALA A 377 13.70 -3.65 -22.30
N LEU A 378 14.71 -3.01 -21.71
CA LEU A 378 14.83 -1.56 -21.79
C LEU A 378 15.09 -1.11 -23.23
N GLU A 379 14.42 -0.05 -23.63
CA GLU A 379 14.58 0.58 -24.94
C GLU A 379 14.78 2.07 -24.76
N LYS A 380 15.13 2.74 -25.85
CA LYS A 380 15.25 4.20 -25.93
C LYS A 380 16.15 4.75 -24.81
N ASN A 381 17.41 4.32 -24.84
CA ASN A 381 18.41 4.81 -23.90
C ASN A 381 17.95 4.63 -22.45
N GLY A 382 17.36 3.47 -22.16
CA GLY A 382 16.97 3.12 -20.81
C GLY A 382 15.72 3.80 -20.29
N THR A 383 14.95 4.47 -21.14
CA THR A 383 13.79 5.23 -20.66
C THR A 383 12.48 4.51 -20.89
N GLN A 384 12.50 3.36 -21.57
CA GLN A 384 11.27 2.69 -21.94
C GLN A 384 11.44 1.19 -21.75
N LEU A 385 10.47 0.55 -21.08
CA LEU A 385 10.46 -0.89 -20.91
C LEU A 385 9.45 -1.49 -21.90
N MET A 386 9.95 -2.32 -22.81
CA MET A 386 9.11 -2.93 -23.83
C MET A 386 8.87 -4.38 -23.46
N ILE A 387 7.59 -4.75 -23.40
CA ILE A 387 7.15 -6.09 -23.05
C ILE A 387 6.30 -6.57 -24.20
N ARG A 388 6.47 -7.84 -24.59
CA ARG A 388 5.69 -8.39 -25.69
C ARG A 388 4.46 -9.17 -25.24
N SER A 389 4.44 -9.70 -24.02
CA SER A 389 3.51 -10.77 -23.65
C SER A 389 2.69 -10.40 -22.42
N TYR A 390 1.64 -11.21 -22.20
CA TYR A 390 0.88 -11.22 -20.96
C TYR A 390 1.45 -12.30 -20.07
N GLU A 391 1.77 -11.94 -18.83
CA GLU A 391 2.27 -12.87 -17.81
C GLU A 391 1.67 -12.44 -16.49
N LEU A 392 1.58 -13.38 -15.55
CA LEU A 392 1.09 -13.06 -14.22
C LEU A 392 1.67 -13.98 -13.16
N GLY A 393 2.04 -13.41 -12.01
CA GLY A 393 2.51 -14.19 -10.90
C GLY A 393 2.18 -13.49 -9.59
N VAL A 394 2.54 -14.12 -8.47
CA VAL A 394 2.33 -13.51 -7.16
C VAL A 394 3.64 -13.58 -6.39
N LEU A 395 3.95 -12.49 -5.67
CA LEU A 395 5.17 -12.33 -4.92
C LEU A 395 4.88 -12.47 -3.43
N PHE A 396 5.60 -13.38 -2.77
CA PHE A 396 5.55 -13.56 -1.32
C PHE A 396 6.71 -12.78 -0.72
N LEU A 397 6.38 -11.76 0.08
CA LEU A 397 7.36 -10.95 0.79
C LEU A 397 7.19 -11.11 2.30
N PRO A 398 8.29 -11.33 3.04
CA PRO A 398 8.20 -11.48 4.50
C PRO A 398 7.47 -10.32 5.17
N SER A 399 7.74 -9.07 4.75
CA SER A 399 7.03 -7.94 5.33
C SER A 399 5.52 -8.11 5.29
N ALA A 400 4.99 -8.72 4.23
CA ALA A 400 3.54 -8.91 4.15
C ALA A 400 3.03 -9.95 5.14
N PHE A 401 3.91 -10.65 5.84
CA PHE A 401 3.48 -11.66 6.80
C PHE A 401 4.00 -11.35 8.20
N GLY A 402 4.48 -10.14 8.42
CA GLY A 402 5.06 -9.75 9.68
C GLY A 402 6.43 -10.33 9.96
N LEU A 403 7.20 -10.63 8.91
CA LEU A 403 8.43 -11.38 9.08
C LEU A 403 9.59 -10.65 8.43
N ASP A 404 10.81 -10.97 8.90
CA ASP A 404 12.02 -10.45 8.27
C ASP A 404 12.45 -11.32 7.09
N SER A 405 12.27 -12.64 7.21
CA SER A 405 12.59 -13.58 6.15
C SER A 405 11.69 -14.80 6.32
N PHE A 406 11.71 -15.67 5.32
CA PHE A 406 11.01 -16.95 5.40
C PHE A 406 12.05 -18.03 5.68
N LYS A 407 11.74 -18.93 6.61
CA LYS A 407 12.50 -20.17 6.70
C LYS A 407 12.09 -21.09 5.55
N VAL A 408 13.05 -21.78 4.96
CA VAL A 408 12.73 -22.74 3.92
C VAL A 408 12.22 -24.02 4.55
N LYS A 409 11.08 -24.51 4.05
CA LYS A 409 10.52 -25.76 4.56
C LYS A 409 11.44 -26.93 4.20
N GLN A 410 11.71 -27.77 5.20
CA GLN A 410 12.61 -28.93 5.07
C GLN A 410 12.14 -29.89 3.97
N LYS A 411 10.90 -30.36 4.08
CA LYS A 411 10.28 -31.28 3.15
C LYS A 411 8.95 -30.65 2.77
N PHE A 412 8.69 -30.57 1.46
CA PHE A 412 7.56 -29.78 0.97
C PHE A 412 6.25 -30.18 1.64
N PHE A 413 6.06 -31.47 1.90
CA PHE A 413 4.80 -31.99 2.42
C PHE A 413 4.86 -32.37 3.90
N ALA A 414 5.89 -31.94 4.63
CA ALA A 414 6.02 -32.29 6.04
C ALA A 414 5.35 -31.19 6.88
N GLY A 415 5.74 -31.09 8.15
CA GLY A 415 5.15 -30.11 9.05
C GLY A 415 6.17 -29.32 9.86
N PRO A 419 6.80 -25.00 12.24
CA PRO A 419 5.92 -23.85 12.50
C PRO A 419 5.46 -23.16 11.22
N MET A 420 4.18 -23.31 10.90
CA MET A 420 3.54 -22.94 9.64
C MET A 420 4.05 -21.68 8.92
N ALA A 421 4.97 -20.92 9.52
CA ALA A 421 5.56 -19.75 8.87
C ALA A 421 6.88 -20.07 8.15
N THR A 422 7.06 -21.29 7.66
CA THR A 422 8.19 -21.64 6.81
C THR A 422 7.70 -21.85 5.38
N PHE A 423 8.47 -21.41 4.40
CA PHE A 423 7.91 -21.37 3.05
C PHE A 423 8.17 -22.67 2.29
N PRO A 424 7.15 -23.24 1.62
CA PRO A 424 7.36 -24.53 0.95
C PRO A 424 8.01 -24.37 -0.41
N VAL A 425 9.33 -24.35 -0.43
CA VAL A 425 10.07 -24.36 -1.70
C VAL A 425 9.92 -25.73 -2.34
N PRO A 426 9.46 -25.83 -3.59
CA PRO A 426 9.08 -27.15 -4.14
C PRO A 426 10.20 -27.96 -4.78
N TYR A 427 11.42 -27.45 -4.87
CA TYR A 427 12.54 -28.21 -5.40
C TYR A 427 13.73 -28.08 -4.44
N ASP A 428 14.76 -28.90 -4.69
CA ASP A 428 15.87 -29.05 -3.74
C ASP A 428 16.82 -27.86 -3.80
N LEU A 429 17.35 -27.50 -2.64
CA LEU A 429 18.42 -26.52 -2.47
C LEU A 429 19.56 -27.19 -1.71
N PRO A 430 20.82 -26.84 -2.03
CA PRO A 430 21.17 -25.94 -3.13
C PRO A 430 20.97 -26.61 -4.48
N PRO A 431 20.80 -25.82 -5.54
CA PRO A 431 20.65 -26.41 -6.88
C PRO A 431 21.96 -27.03 -7.33
N GLU A 432 21.86 -28.10 -8.12
CA GLU A 432 23.03 -28.85 -8.54
C GLU A 432 23.42 -28.46 -9.97
N LEU A 433 24.66 -27.99 -10.12
CA LEU A 433 25.16 -27.62 -11.43
C LEU A 433 25.12 -28.81 -12.39
N TYR A 434 24.86 -28.53 -13.67
CA TYR A 434 25.02 -29.55 -14.71
C TYR A 434 26.41 -30.18 -14.62
N GLY A 435 26.48 -31.50 -14.81
CA GLY A 435 27.75 -32.15 -14.99
C GLY A 435 28.31 -31.90 -16.40
N SER A 436 29.59 -32.27 -16.58
CA SER A 436 30.28 -31.90 -17.82
C SER A 436 29.60 -32.49 -19.05
N LYS A 437 28.94 -33.65 -18.90
CA LYS A 437 28.27 -34.30 -20.02
C LYS A 437 26.79 -33.96 -20.10
N ASP A 438 26.27 -33.12 -19.20
CA ASP A 438 24.87 -32.73 -19.34
C ASP A 438 24.74 -31.65 -20.40
N ARG A 439 23.54 -31.57 -20.96
CA ARG A 439 23.17 -30.56 -21.94
C ARG A 439 21.77 -30.06 -21.61
N PRO A 440 21.48 -28.80 -21.88
CA PRO A 440 20.12 -28.32 -21.62
C PRO A 440 19.16 -28.96 -22.62
N TRP A 441 17.96 -29.28 -22.15
CA TRP A 441 16.95 -29.80 -23.06
C TRP A 441 16.66 -28.80 -24.19
N ILE A 442 16.82 -29.27 -25.43
CA ILE A 442 16.59 -28.44 -26.61
C ILE A 442 15.56 -29.20 -27.45
N TRP A 443 14.40 -28.58 -27.68
CA TRP A 443 13.25 -29.41 -28.04
C TRP A 443 13.21 -29.81 -29.51
N ASN A 444 13.98 -29.19 -30.39
CA ASN A 444 13.85 -29.48 -31.81
C ASN A 444 15.12 -30.04 -32.41
N ILE A 445 15.80 -30.92 -31.67
CA ILE A 445 16.85 -31.79 -32.20
C ILE A 445 16.58 -33.20 -31.71
N PRO A 446 17.11 -34.22 -32.39
CA PRO A 446 16.82 -35.60 -31.97
C PRO A 446 17.72 -36.07 -30.83
N TYR A 447 17.18 -36.97 -30.02
CA TYR A 447 17.93 -37.71 -29.02
C TYR A 447 17.67 -39.18 -29.28
N VAL A 448 18.69 -39.88 -29.80
CA VAL A 448 18.55 -41.25 -30.27
C VAL A 448 19.65 -42.12 -29.65
N LYS A 449 20.34 -41.58 -28.64
CA LYS A 449 21.45 -42.27 -27.99
C LYS A 449 20.97 -43.26 -26.92
N ALA A 450 19.94 -42.89 -26.17
CA ALA A 450 19.43 -43.72 -25.08
C ALA A 450 17.93 -43.52 -24.99
N PRO A 451 17.16 -44.59 -24.79
CA PRO A 451 15.71 -44.48 -24.78
C PRO A 451 15.19 -43.92 -23.45
N ASP A 452 13.92 -43.48 -23.49
CA ASP A 452 13.30 -42.87 -22.32
C ASP A 452 12.52 -43.93 -21.54
N THR A 453 11.77 -43.50 -20.52
CA THR A 453 11.09 -44.40 -19.61
C THR A 453 9.96 -45.19 -20.26
N HIS A 454 9.59 -44.83 -21.50
CA HIS A 454 8.60 -45.57 -22.26
C HIS A 454 9.23 -46.36 -23.40
N GLY A 455 10.56 -46.34 -23.51
CA GLY A 455 11.24 -47.12 -24.53
C GLY A 455 11.46 -46.41 -25.85
N ASN A 456 11.31 -45.08 -25.90
CA ASN A 456 11.34 -44.36 -27.16
C ASN A 456 12.50 -43.37 -27.23
N MET A 457 12.87 -43.04 -28.46
CA MET A 457 13.78 -41.95 -28.76
C MET A 457 12.97 -40.69 -29.05
N TRP A 458 13.66 -39.60 -29.33
CA TRP A 458 13.04 -38.32 -29.66
C TRP A 458 13.49 -37.92 -31.06
N VAL A 459 12.56 -37.88 -32.00
CA VAL A 459 12.87 -37.50 -33.38
C VAL A 459 11.90 -36.39 -33.80
N PRO A 460 12.26 -35.10 -33.61
CA PRO A 460 11.41 -33.94 -33.88
C PRO A 460 10.75 -33.92 -35.26
N ASN B 15 -21.09 6.42 11.07
CA ASN B 15 -20.28 7.06 10.04
C ASN B 15 -18.99 6.29 9.79
N PRO B 16 -18.44 6.39 8.58
CA PRO B 16 -17.15 5.73 8.32
C PRO B 16 -15.95 6.57 8.72
N PHE B 17 -16.09 7.89 8.83
CA PHE B 17 -14.90 8.73 8.87
C PHE B 17 -14.31 8.88 10.27
N GLN B 18 -15.12 8.79 11.32
CA GLN B 18 -14.64 8.92 12.70
C GLN B 18 -13.90 10.24 12.92
N PHE B 19 -14.40 11.31 12.30
CA PHE B 19 -13.85 12.65 12.49
C PHE B 19 -14.82 13.42 13.38
N TYR B 20 -14.34 13.91 14.52
CA TYR B 20 -15.19 14.56 15.50
C TYR B 20 -14.66 15.96 15.83
N LEU B 21 -15.56 16.80 16.37
CA LEU B 21 -15.17 18.06 16.99
C LEU B 21 -15.21 17.92 18.51
N THR B 22 -14.47 18.79 19.18
CA THR B 22 -14.54 18.79 20.64
C THR B 22 -15.81 19.50 21.11
N ARG B 23 -16.22 19.19 22.32
CA ARG B 23 -17.38 19.85 22.92
C ARG B 23 -17.11 21.34 23.14
N VAL B 24 -18.10 22.17 22.88
CA VAL B 24 -18.00 23.62 23.06
C VAL B 24 -19.01 24.02 24.13
N SER B 25 -18.53 24.67 25.19
CA SER B 25 -19.42 25.16 26.23
C SER B 25 -20.05 26.48 25.78
N GLY B 26 -21.36 26.60 25.96
CA GLY B 26 -22.03 27.84 25.63
C GLY B 26 -22.68 27.89 24.27
N VAL B 27 -22.82 26.75 23.59
CA VAL B 27 -23.67 26.65 22.41
C VAL B 27 -24.80 25.69 22.75
N LYS B 28 -25.85 25.74 21.94
CA LYS B 28 -26.98 24.85 22.12
C LYS B 28 -26.53 23.39 22.11
N PRO B 29 -27.20 22.52 22.88
CA PRO B 29 -26.81 21.09 22.90
C PRO B 29 -26.82 20.40 21.54
N LYS B 30 -27.67 20.85 20.60
CA LYS B 30 -27.69 20.24 19.28
C LYS B 30 -26.33 20.35 18.59
N TYR B 31 -25.52 21.36 18.95
CA TYR B 31 -24.20 21.52 18.37
C TYR B 31 -23.12 20.76 19.12
N ASN B 32 -23.45 20.04 20.19
CA ASN B 32 -22.51 19.14 20.84
C ASN B 32 -22.93 17.69 20.71
N SER B 33 -23.97 17.41 19.92
CA SER B 33 -24.54 16.08 19.83
C SER B 33 -23.49 15.02 19.47
N GLY B 34 -22.85 15.17 18.31
CA GLY B 34 -21.81 14.23 17.96
C GLY B 34 -20.39 14.66 18.30
N ALA B 35 -20.22 15.53 19.31
CA ALA B 35 -18.91 16.04 19.68
C ALA B 35 -18.35 15.24 20.85
N LEU B 36 -17.05 15.39 21.08
CA LEU B 36 -16.33 14.59 22.06
C LEU B 36 -15.57 15.48 23.02
N HIS B 37 -15.74 15.23 24.32
CA HIS B 37 -14.84 15.76 25.32
C HIS B 37 -13.74 14.74 25.62
N ILE B 38 -12.62 15.23 26.17
CA ILE B 38 -11.51 14.32 26.48
C ILE B 38 -11.96 13.24 27.45
N LYS B 39 -12.82 13.60 28.42
CA LYS B 39 -13.39 12.60 29.30
C LYS B 39 -14.15 11.53 28.53
N ASP B 40 -14.80 11.89 27.42
CA ASP B 40 -15.43 10.88 26.58
C ASP B 40 -14.38 9.95 25.97
N ILE B 41 -13.26 10.50 25.51
CA ILE B 41 -12.27 9.69 24.84
C ILE B 41 -11.66 8.67 25.81
N LEU B 42 -11.48 9.07 27.07
CA LEU B 42 -10.83 8.24 28.07
C LEU B 42 -11.79 7.38 28.87
N SER B 43 -13.08 7.47 28.58
CA SER B 43 -14.10 6.74 29.33
C SER B 43 -13.89 5.21 29.23
N PRO B 44 -14.34 4.46 30.24
N PRO B 44 -14.33 4.47 30.24
CA PRO B 44 -14.26 2.99 30.15
CA PRO B 44 -14.26 3.00 30.15
C PRO B 44 -15.08 2.42 29.01
C PRO B 44 -15.07 2.41 29.02
N LEU B 45 -16.05 3.17 28.49
CA LEU B 45 -16.81 2.70 27.33
C LEU B 45 -15.94 2.57 26.10
N PHE B 46 -14.80 3.25 26.06
CA PHE B 46 -13.85 3.14 24.95
C PHE B 46 -12.86 1.99 25.11
N GLY B 47 -12.74 1.42 26.31
CA GLY B 47 -11.86 0.30 26.58
C GLY B 47 -11.32 0.36 27.99
N THR B 48 -10.81 -0.79 28.45
CA THR B 48 -10.26 -0.92 29.81
C THR B 48 -8.80 -0.50 29.80
N LEU B 49 -8.54 0.73 30.22
CA LEU B 49 -7.22 1.33 30.01
C LEU B 49 -6.16 0.59 30.80
N VAL B 50 -5.06 0.27 30.13
CA VAL B 50 -3.89 -0.35 30.75
C VAL B 50 -2.73 0.63 30.85
N SER B 51 -2.52 1.42 29.81
N SER B 51 -2.54 1.44 29.81
CA SER B 51 -1.50 2.46 29.82
CA SER B 51 -1.43 2.39 29.73
C SER B 51 -1.82 3.43 28.69
C SER B 51 -1.76 3.38 28.63
N SER B 52 -1.13 4.56 28.68
CA SER B 52 -1.40 5.59 27.68
C SER B 52 -0.18 6.44 27.41
N ALA B 53 -0.10 6.96 26.19
CA ALA B 53 0.88 7.97 25.84
C ALA B 53 0.17 9.23 25.35
N GLN B 54 0.66 10.38 25.79
CA GLN B 54 0.08 11.68 25.44
C GLN B 54 1.17 12.51 24.78
N PHE B 55 1.11 12.60 23.45
CA PHE B 55 1.97 13.49 22.69
C PHE B 55 1.28 14.84 22.65
N ASN B 56 2.01 15.90 22.95
CA ASN B 56 1.42 17.22 22.86
C ASN B 56 2.49 18.27 23.00
N TYR B 57 2.08 19.53 22.93
CA TYR B 57 2.92 20.69 23.11
C TYR B 57 2.80 21.27 24.52
N CYS B 58 1.58 21.55 24.95
N CYS B 58 1.59 21.56 24.98
CA CYS B 58 1.28 22.13 26.26
CA CYS B 58 1.37 22.17 26.28
C CYS B 58 0.55 21.12 27.12
C CYS B 58 0.47 21.29 27.15
N PHE B 59 0.82 21.17 28.43
CA PHE B 59 0.18 20.27 29.37
C PHE B 59 -0.18 21.00 30.66
N ASP B 60 -1.35 20.68 31.19
CA ASP B 60 -1.71 20.95 32.59
C ASP B 60 -1.89 19.58 33.22
N VAL B 61 -0.86 19.08 33.92
CA VAL B 61 -0.86 17.68 34.35
C VAL B 61 -1.94 17.45 35.40
N ASP B 62 -2.12 18.40 36.32
N ASP B 62 -2.12 18.40 36.31
CA ASP B 62 -3.21 18.30 37.28
CA ASP B 62 -3.22 18.30 37.28
C ASP B 62 -4.55 18.16 36.56
C ASP B 62 -4.55 18.16 36.57
N TRP B 63 -4.81 19.05 35.60
CA TRP B 63 -6.04 18.94 34.80
C TRP B 63 -6.08 17.62 34.05
N LEU B 64 -4.95 17.21 33.46
CA LEU B 64 -4.95 16.03 32.61
C LEU B 64 -5.35 14.78 33.38
N VAL B 65 -4.76 14.58 34.56
CA VAL B 65 -5.06 13.37 35.33
C VAL B 65 -6.53 13.33 35.69
N LYS B 66 -7.14 14.48 35.97
CA LYS B 66 -8.56 14.51 36.33
C LYS B 66 -9.47 14.11 35.17
N GLN B 67 -8.98 14.19 33.93
CA GLN B 67 -9.79 13.77 32.79
C GLN B 67 -9.86 12.26 32.64
N TYR B 68 -8.87 11.53 33.14
CA TYR B 68 -8.97 10.08 33.16
C TYR B 68 -10.02 9.65 34.18
N PRO B 69 -10.76 8.56 33.91
CA PRO B 69 -11.70 8.06 34.89
C PRO B 69 -10.97 7.66 36.16
N PRO B 70 -11.64 7.72 37.32
CA PRO B 70 -10.94 7.42 38.58
C PRO B 70 -10.19 6.09 38.56
N GLU B 71 -10.83 5.03 38.06
CA GLU B 71 -10.22 3.70 38.07
C GLU B 71 -8.97 3.60 37.19
N PHE B 72 -8.84 4.46 36.16
CA PHE B 72 -7.68 4.44 35.28
C PHE B 72 -6.62 5.43 35.69
N ARG B 73 -6.84 6.15 36.79
CA ARG B 73 -6.06 7.35 37.05
C ARG B 73 -4.63 7.07 37.49
N LYS B 74 -4.31 5.84 37.89
CA LYS B 74 -2.93 5.53 38.26
C LYS B 74 -2.23 4.64 37.24
N LYS B 75 -2.91 4.20 36.18
CA LYS B 75 -2.25 3.51 35.09
C LYS B 75 -1.13 4.40 34.51
N PRO B 76 -0.07 3.79 33.99
CA PRO B 76 1.07 4.58 33.49
C PRO B 76 0.66 5.55 32.39
N ILE B 77 1.32 6.70 32.38
CA ILE B 77 1.09 7.76 31.41
C ILE B 77 2.45 8.32 30.99
N LEU B 78 2.68 8.36 29.68
CA LEU B 78 3.91 8.91 29.13
C LEU B 78 3.57 10.22 28.44
N LEU B 79 4.21 11.30 28.89
CA LEU B 79 4.07 12.61 28.28
C LEU B 79 5.22 12.80 27.29
N VAL B 80 4.89 13.00 26.02
CA VAL B 80 5.88 13.28 24.98
C VAL B 80 5.80 14.76 24.66
N HIS B 81 6.89 15.49 24.90
CA HIS B 81 6.92 16.94 24.81
C HIS B 81 8.23 17.34 24.14
N GLY B 82 8.39 18.64 23.90
CA GLY B 82 9.63 19.16 23.32
C GLY B 82 10.32 20.21 24.18
N ASP B 83 9.90 20.32 25.45
CA ASP B 83 10.34 21.41 26.32
C ASP B 83 11.82 21.25 26.71
N LYS B 84 12.48 22.40 26.89
CA LYS B 84 13.91 22.45 27.23
C LYS B 84 14.13 23.37 28.43
N ARG B 85 15.29 23.20 29.08
CA ARG B 85 15.81 24.14 30.09
C ARG B 85 14.78 24.31 31.20
N GLU B 86 14.37 25.54 31.56
CA GLU B 86 13.46 25.70 32.68
C GLU B 86 12.05 25.20 32.34
N ALA B 87 11.59 25.45 31.12
CA ALA B 87 10.31 24.89 30.68
C ALA B 87 10.26 23.39 30.95
N LYS B 88 11.32 22.67 30.58
CA LYS B 88 11.39 21.25 30.86
C LYS B 88 11.29 20.98 32.36
N ALA B 89 11.97 21.79 33.18
CA ALA B 89 11.95 21.60 34.63
C ALA B 89 10.55 21.82 35.18
N HIS B 90 9.84 22.85 34.70
CA HIS B 90 8.46 23.10 35.13
C HIS B 90 7.58 21.90 34.85
N LEU B 91 7.72 21.31 33.66
CA LEU B 91 6.88 20.16 33.30
C LEU B 91 7.17 18.98 34.21
N HIS B 92 8.45 18.67 34.44
CA HIS B 92 8.79 17.62 35.41
C HIS B 92 8.23 17.94 36.79
N ALA B 93 8.30 19.21 37.19
CA ALA B 93 7.72 19.60 38.47
C ALA B 93 6.21 19.33 38.51
N GLN B 94 5.50 19.72 37.44
CA GLN B 94 4.08 19.38 37.30
C GLN B 94 3.84 17.90 37.52
N ALA B 95 4.76 17.05 37.06
CA ALA B 95 4.51 15.62 36.97
C ALA B 95 4.86 14.86 38.25
N LYS B 96 5.80 15.36 39.05
CA LYS B 96 6.31 14.59 40.19
C LYS B 96 5.24 14.07 41.16
N PRO B 97 4.18 14.81 41.50
CA PRO B 97 3.16 14.25 42.41
C PRO B 97 2.56 12.94 41.95
N TYR B 98 2.60 12.60 40.66
CA TYR B 98 2.00 11.37 40.14
C TYR B 98 3.12 10.40 39.73
N GLU B 99 3.27 9.34 40.51
CA GLU B 99 4.39 8.40 40.34
C GLU B 99 4.22 7.52 39.11
N ASN B 100 3.06 7.53 38.48
CA ASN B 100 2.78 6.75 37.28
C ASN B 100 3.05 7.52 36.00
N ILE B 101 3.63 8.71 36.06
CA ILE B 101 3.76 9.58 34.91
C ILE B 101 5.23 9.68 34.54
N SER B 102 5.56 9.19 33.35
CA SER B 102 6.88 9.27 32.77
C SER B 102 6.87 10.35 31.70
N LEU B 103 8.05 10.86 31.39
CA LEU B 103 8.18 11.95 30.42
C LEU B 103 9.21 11.57 29.37
N CYS B 104 8.97 12.03 28.15
CA CYS B 104 9.88 11.81 27.03
C CYS B 104 10.07 13.13 26.33
N GLN B 105 11.29 13.64 26.35
CA GLN B 105 11.64 14.89 25.70
C GLN B 105 12.06 14.60 24.26
N ALA B 106 11.19 14.96 23.31
CA ALA B 106 11.51 14.80 21.90
C ALA B 106 12.65 15.73 21.51
N LYS B 107 13.69 15.16 20.92
CA LYS B 107 14.85 15.96 20.53
C LYS B 107 14.44 16.99 19.49
N LEU B 108 14.93 18.21 19.67
CA LEU B 108 14.65 19.33 18.76
C LEU B 108 15.99 20.00 18.41
N ASP B 109 16.77 19.33 17.56
CA ASP B 109 18.14 19.77 17.30
C ASP B 109 18.24 20.77 16.15
N ILE B 110 17.11 21.16 15.55
CA ILE B 110 17.07 22.27 14.62
C ILE B 110 16.44 23.46 15.34
N ALA B 111 17.01 24.64 15.14
CA ALA B 111 16.54 25.82 15.85
C ALA B 111 15.08 26.10 15.52
N PHE B 112 14.37 26.66 16.51
CA PHE B 112 13.01 27.18 16.35
C PHE B 112 12.00 26.07 16.04
N GLY B 113 12.32 24.82 16.36
CA GLY B 113 11.36 23.75 16.21
C GLY B 113 10.55 23.54 17.47
N THR B 114 9.36 22.97 17.30
CA THR B 114 8.51 22.62 18.43
C THR B 114 7.97 21.22 18.25
N HIS B 115 7.64 20.57 19.35
CA HIS B 115 6.94 19.29 19.31
C HIS B 115 5.46 19.61 19.32
N HIS B 116 4.91 19.82 18.12
CA HIS B 116 3.54 20.25 17.94
C HIS B 116 2.53 19.10 17.90
N THR B 117 3.00 17.89 17.61
CA THR B 117 2.14 16.74 17.43
C THR B 117 1.19 16.52 18.60
N LYS B 118 -0.08 16.28 18.29
CA LYS B 118 -1.08 15.96 19.31
C LYS B 118 -1.66 14.59 19.05
N MET B 119 -1.35 13.65 19.94
CA MET B 119 -1.72 12.26 19.69
C MET B 119 -1.86 11.55 21.02
N MET B 120 -2.82 10.63 21.08
CA MET B 120 -2.97 9.71 22.20
C MET B 120 -2.76 8.29 21.69
N LEU B 121 -1.89 7.53 22.36
CA LEU B 121 -1.89 6.08 22.24
C LEU B 121 -2.58 5.49 23.47
N LEU B 122 -3.59 4.66 23.26
CA LEU B 122 -4.42 4.16 24.35
C LEU B 122 -4.42 2.64 24.33
N LEU B 123 -3.62 2.04 25.21
CA LEU B 123 -3.51 0.59 25.28
C LEU B 123 -4.55 0.04 26.26
N TYR B 124 -5.41 -0.84 25.78
CA TYR B 124 -6.47 -1.46 26.56
C TYR B 124 -6.21 -2.94 26.74
N GLU B 125 -6.98 -3.53 27.66
CA GLU B 125 -7.06 -4.99 27.75
C GLU B 125 -7.60 -5.57 26.45
N GLU B 126 -8.52 -4.87 25.81
CA GLU B 126 -9.20 -5.36 24.63
C GLU B 126 -8.45 -5.06 23.34
N GLY B 127 -7.42 -4.22 23.38
CA GLY B 127 -6.81 -3.79 22.14
C GLY B 127 -6.10 -2.47 22.32
N LEU B 128 -5.98 -1.74 21.21
CA LEU B 128 -5.19 -0.52 21.13
C LEU B 128 -5.97 0.52 20.33
N ARG B 129 -5.89 1.78 20.77
CA ARG B 129 -6.52 2.87 20.04
C ARG B 129 -5.52 4.00 19.85
N VAL B 130 -5.61 4.64 18.69
CA VAL B 130 -4.81 5.81 18.33
C VAL B 130 -5.76 6.98 18.14
N VAL B 131 -5.46 8.10 18.76
CA VAL B 131 -6.24 9.33 18.61
C VAL B 131 -5.29 10.41 18.12
N ILE B 132 -5.61 11.01 16.98
CA ILE B 132 -4.81 12.11 16.45
C ILE B 132 -5.72 13.34 16.41
N HIS B 133 -5.36 14.39 17.15
CA HIS B 133 -6.30 15.47 17.40
C HIS B 133 -5.52 16.77 17.35
N THR B 134 -6.16 17.87 17.77
CA THR B 134 -5.54 19.19 17.62
C THR B 134 -5.45 19.99 18.92
N SER B 135 -5.84 19.42 20.06
CA SER B 135 -5.96 20.18 21.31
C SER B 135 -4.75 20.03 22.22
N ASN B 136 -4.33 21.14 22.82
CA ASN B 136 -3.41 21.02 23.94
C ASN B 136 -4.12 20.41 25.13
N LEU B 137 -3.33 19.86 26.05
CA LEU B 137 -3.91 19.20 27.22
C LEU B 137 -4.00 20.20 28.38
N ILE B 138 -4.83 21.22 28.13
CA ILE B 138 -5.17 22.26 29.10
C ILE B 138 -6.67 22.53 28.95
N HIS B 139 -7.28 23.00 30.04
CA HIS B 139 -8.73 23.17 30.07
C HIS B 139 -9.21 24.03 28.92
N ALA B 140 -8.49 25.13 28.63
CA ALA B 140 -8.97 26.11 27.67
C ALA B 140 -9.08 25.52 26.26
N ASP B 141 -8.24 24.55 25.92
CA ASP B 141 -8.27 24.04 24.55
C ASP B 141 -9.47 23.14 24.30
N TRP B 142 -10.16 22.68 25.34
CA TRP B 142 -11.34 21.85 25.20
C TRP B 142 -12.62 22.57 25.61
N HIS B 143 -12.54 23.86 25.87
CA HIS B 143 -13.67 24.58 26.47
C HIS B 143 -14.54 25.24 25.39
N GLN B 144 -14.01 26.27 24.73
CA GLN B 144 -14.81 27.04 23.78
C GLN B 144 -14.09 27.23 22.45
N LYS B 145 -13.30 26.25 22.02
CA LYS B 145 -12.58 26.31 20.76
C LYS B 145 -13.10 25.26 19.79
N THR B 146 -12.89 25.51 18.50
CA THR B 146 -13.14 24.50 17.49
C THR B 146 -11.86 23.68 17.34
N GLN B 147 -11.94 22.39 17.68
CA GLN B 147 -10.82 21.46 17.61
C GLN B 147 -11.31 20.21 16.92
N GLY B 148 -10.38 19.46 16.33
CA GLY B 148 -10.71 18.27 15.56
C GLY B 148 -10.09 17.03 16.16
N ILE B 149 -10.79 15.90 16.03
CA ILE B 149 -10.34 14.60 16.52
C ILE B 149 -10.57 13.55 15.44
N TRP B 150 -9.57 12.70 15.21
CA TRP B 150 -9.77 11.43 14.51
C TRP B 150 -9.59 10.28 15.50
N LEU B 151 -10.57 9.39 15.56
CA LEU B 151 -10.50 8.20 16.42
C LEU B 151 -10.27 6.97 15.56
N SER B 152 -9.20 6.24 15.87
CA SER B 152 -8.96 4.97 15.21
C SER B 152 -10.01 3.97 15.65
N PRO B 153 -10.20 2.91 14.87
CA PRO B 153 -10.94 1.75 15.40
C PRO B 153 -10.20 1.17 16.60
N LEU B 154 -10.90 0.28 17.31
CA LEU B 154 -10.24 -0.57 18.29
C LEU B 154 -9.44 -1.63 17.55
N TYR B 155 -8.13 -1.56 17.69
CA TYR B 155 -7.25 -2.50 17.01
C TYR B 155 -7.05 -3.71 17.89
N PRO B 156 -7.44 -4.91 17.46
CA PRO B 156 -7.22 -6.10 18.29
C PRO B 156 -5.77 -6.55 18.26
N ARG B 157 -5.39 -7.27 19.30
CA ARG B 157 -4.05 -7.83 19.38
C ARG B 157 -3.93 -8.96 18.37
N ILE B 158 -2.76 -9.11 17.78
CA ILE B 158 -2.52 -10.24 16.90
C ILE B 158 -2.33 -11.48 17.78
N ALA B 159 -3.00 -12.56 17.43
CA ALA B 159 -2.98 -13.76 18.27
C ALA B 159 -1.56 -14.24 18.52
N ASP B 160 -1.41 -15.02 19.59
CA ASP B 160 -0.12 -15.62 19.92
C ASP B 160 0.32 -16.56 18.79
N GLY B 161 1.62 -16.60 18.53
CA GLY B 161 2.15 -17.49 17.50
C GLY B 161 1.70 -17.16 16.09
N THR B 162 0.76 -16.23 15.96
CA THR B 162 0.25 -15.83 14.65
C THR B 162 1.24 -14.88 13.98
N HIS B 163 1.41 -15.06 12.66
CA HIS B 163 2.31 -14.24 11.86
C HIS B 163 1.48 -13.53 10.78
N LYS B 164 1.00 -12.33 11.11
CA LYS B 164 0.28 -11.47 10.18
C LYS B 164 0.93 -10.10 10.20
N SER B 165 0.75 -9.34 9.12
CA SER B 165 1.34 -8.00 9.12
C SER B 165 0.56 -7.07 10.05
N GLY B 166 -0.74 -7.26 10.16
CA GLY B 166 -1.59 -6.27 10.78
C GLY B 166 -1.63 -4.96 10.04
N GLU B 167 -1.30 -4.96 8.75
CA GLU B 167 -1.12 -3.72 8.01
C GLU B 167 -2.41 -3.37 7.26
N SER B 168 -2.60 -2.07 7.03
N SER B 168 -2.61 -2.07 7.03
CA SER B 168 -3.77 -1.55 6.32
CA SER B 168 -3.78 -1.58 6.33
C SER B 168 -3.42 -1.21 4.87
C SER B 168 -3.44 -1.19 4.89
N PRO B 169 -4.42 -1.11 3.99
CA PRO B 169 -4.13 -0.66 2.62
C PRO B 169 -3.52 0.72 2.57
N THR B 170 -3.69 1.54 3.61
CA THR B 170 -3.07 2.85 3.64
C THR B 170 -1.68 2.85 4.26
N HIS B 171 -1.14 1.67 4.63
CA HIS B 171 0.20 1.53 5.20
C HIS B 171 0.33 2.22 6.56
N PHE B 172 -0.81 2.40 7.25
CA PHE B 172 -0.82 3.21 8.46
C PHE B 172 0.05 2.61 9.56
N LYS B 173 0.02 1.29 9.73
CA LYS B 173 0.80 0.68 10.80
C LYS B 173 2.29 0.97 10.62
N ALA B 174 2.84 0.70 9.44
CA ALA B 174 4.25 0.96 9.21
C ALA B 174 4.56 2.46 9.29
N ASP B 175 3.66 3.30 8.78
CA ASP B 175 3.93 4.74 8.78
C ASP B 175 3.92 5.31 10.19
N LEU B 176 3.04 4.80 11.06
CA LEU B 176 3.05 5.23 12.45
C LEU B 176 4.34 4.81 13.15
N ILE B 177 4.76 3.57 12.92
CA ILE B 177 6.01 3.11 13.52
C ILE B 177 7.15 3.96 13.02
N SER B 178 7.15 4.29 11.72
N SER B 178 7.15 4.29 11.72
CA SER B 178 8.22 5.12 11.18
CA SER B 178 8.21 5.12 11.17
C SER B 178 8.24 6.49 11.83
C SER B 178 8.23 6.50 11.83
N TYR B 179 7.06 7.08 12.07
CA TYR B 179 7.00 8.37 12.76
C TYR B 179 7.60 8.26 14.17
N LEU B 180 7.20 7.22 14.93
CA LEU B 180 7.74 7.07 16.27
C LEU B 180 9.24 6.78 16.25
N MET B 181 9.71 6.00 15.27
N MET B 181 9.71 6.00 15.27
CA MET B 181 11.14 5.66 15.23
CA MET B 181 11.14 5.66 15.21
C MET B 181 12.00 6.90 15.07
C MET B 181 12.00 6.89 15.06
N ALA B 182 11.50 7.92 14.38
CA ALA B 182 12.26 9.15 14.17
C ALA B 182 12.61 9.85 15.49
N TYR B 183 11.88 9.56 16.57
CA TYR B 183 12.21 10.15 17.86
C TYR B 183 13.52 9.58 18.42
N ASN B 184 13.82 8.33 18.08
CA ASN B 184 15.00 7.65 18.63
C ASN B 184 14.95 7.65 20.16
N ALA B 185 13.78 7.38 20.73
CA ALA B 185 13.60 7.49 22.17
C ALA B 185 13.25 6.14 22.77
N PRO B 186 13.87 5.76 23.90
CA PRO B 186 13.57 4.43 24.47
C PRO B 186 12.13 4.25 24.89
N SER B 187 11.48 5.30 25.40
CA SER B 187 10.11 5.13 25.86
C SER B 187 9.17 4.88 24.70
N LEU B 188 9.50 5.38 23.51
CA LEU B 188 8.66 5.17 22.34
C LEU B 188 8.93 3.84 21.63
N LYS B 189 10.13 3.27 21.80
CA LYS B 189 10.34 1.93 21.27
C LYS B 189 9.41 0.94 21.96
N GLU B 190 9.15 1.14 23.25
CA GLU B 190 8.16 0.33 23.94
C GLU B 190 6.79 0.42 23.27
N TRP B 191 6.40 1.64 22.84
CA TRP B 191 5.10 1.76 22.17
C TRP B 191 5.15 1.23 20.74
N ILE B 192 6.29 1.32 20.06
CA ILE B 192 6.43 0.69 18.75
C ILE B 192 6.17 -0.82 18.87
N ASP B 193 6.73 -1.46 19.89
CA ASP B 193 6.52 -2.89 20.06
C ASP B 193 5.07 -3.22 20.39
N VAL B 194 4.39 -2.35 21.13
CA VAL B 194 2.94 -2.46 21.31
C VAL B 194 2.24 -2.45 19.96
N ILE B 195 2.57 -1.47 19.13
CA ILE B 195 1.87 -1.35 17.85
C ILE B 195 2.15 -2.59 16.99
N HIS B 196 3.39 -3.05 16.99
CA HIS B 196 3.75 -4.26 16.26
C HIS B 196 2.83 -5.43 16.60
N LYS B 197 2.38 -5.52 17.86
CA LYS B 197 1.61 -6.67 18.30
C LYS B 197 0.10 -6.52 18.03
N HIS B 198 -0.32 -5.42 17.41
CA HIS B 198 -1.74 -5.21 17.12
C HIS B 198 -2.01 -5.19 15.62
N ASP B 199 -3.27 -5.46 15.28
CA ASP B 199 -3.78 -5.52 13.90
C ASP B 199 -4.41 -4.18 13.56
N LEU B 200 -3.73 -3.37 12.74
CA LEU B 200 -4.24 -2.07 12.35
C LEU B 200 -4.86 -2.08 10.95
N SER B 201 -5.20 -3.27 10.44
CA SER B 201 -5.60 -3.38 9.03
C SER B 201 -6.87 -2.61 8.68
N GLU B 202 -7.74 -2.33 9.67
CA GLU B 202 -8.97 -1.63 9.35
C GLU B 202 -8.79 -0.12 9.14
N THR B 203 -7.57 0.41 9.31
CA THR B 203 -7.34 1.85 9.19
C THR B 203 -7.53 2.31 7.75
N ASN B 204 -8.39 3.32 7.55
CA ASN B 204 -8.68 3.83 6.22
C ASN B 204 -8.15 5.24 5.97
N VAL B 205 -7.33 5.79 6.86
CA VAL B 205 -6.69 7.07 6.62
C VAL B 205 -5.20 6.87 6.42
N TYR B 206 -4.56 7.87 5.81
CA TYR B 206 -3.11 7.93 5.62
C TYR B 206 -2.48 8.86 6.63
N LEU B 207 -1.37 8.43 7.22
CA LEU B 207 -0.66 9.26 8.19
C LEU B 207 0.23 10.26 7.46
N ILE B 208 0.18 11.52 7.89
CA ILE B 208 1.04 12.56 7.35
C ILE B 208 1.76 13.22 8.53
N GLY B 209 3.02 12.87 8.71
CA GLY B 209 3.81 13.45 9.77
C GLY B 209 4.91 14.38 9.30
N SER B 210 5.39 15.20 10.23
CA SER B 210 6.60 15.99 10.06
C SER B 210 7.50 15.61 11.22
N THR B 211 8.80 15.47 10.96
CA THR B 211 9.79 15.32 12.03
C THR B 211 10.99 16.19 11.68
N PRO B 212 11.73 16.68 12.67
CA PRO B 212 12.81 17.61 12.36
C PRO B 212 13.91 16.91 11.59
N GLY B 213 14.43 17.59 10.58
CA GLY B 213 15.63 17.12 9.92
C GLY B 213 15.81 17.75 8.56
N ARG B 214 16.82 17.24 7.86
N ARG B 214 16.82 17.24 7.86
CA ARG B 214 17.15 17.65 6.50
CA ARG B 214 17.15 17.65 6.50
C ARG B 214 17.15 16.39 5.66
C ARG B 214 17.15 16.39 5.66
N PHE B 215 16.12 16.22 4.83
CA PHE B 215 15.86 14.97 4.15
C PHE B 215 16.20 15.09 2.67
N GLN B 216 16.91 14.10 2.14
CA GLN B 216 17.37 14.06 0.76
C GLN B 216 16.87 12.81 0.08
N GLY B 217 16.72 12.88 -1.24
CA GLY B 217 16.34 11.78 -2.11
C GLY B 217 15.46 10.71 -1.52
N SER B 218 16.08 9.64 -1.03
CA SER B 218 15.42 8.47 -0.47
C SER B 218 14.41 8.78 0.63
N GLN B 219 14.35 10.05 1.08
CA GLN B 219 13.59 10.39 2.27
C GLN B 219 12.76 11.66 2.18
N LYS B 220 12.92 12.49 1.14
CA LYS B 220 12.12 13.70 1.02
C LYS B 220 10.63 13.40 1.07
N ASP B 221 10.22 12.25 0.54
CA ASP B 221 8.80 11.91 0.43
C ASP B 221 8.21 11.43 1.75
N ASN B 222 9.01 11.31 2.81
CA ASN B 222 8.52 10.72 4.04
C ASN B 222 7.70 11.69 4.88
N TRP B 223 7.89 13.00 4.72
CA TRP B 223 7.41 13.96 5.70
C TRP B 223 6.86 15.23 5.05
N GLY B 224 6.11 15.99 5.84
CA GLY B 224 5.74 17.34 5.44
C GLY B 224 4.99 17.39 4.13
N HIS B 225 5.18 18.48 3.40
CA HIS B 225 4.32 18.67 2.23
C HIS B 225 4.73 17.77 1.08
N PHE B 226 5.97 17.26 1.07
CA PHE B 226 6.32 16.25 0.08
C PHE B 226 5.64 14.92 0.38
N ARG B 227 5.43 14.59 1.66
CA ARG B 227 4.63 13.42 1.99
C ARG B 227 3.22 13.57 1.43
N LEU B 228 2.60 14.73 1.64
CA LEU B 228 1.26 14.96 1.07
C LEU B 228 1.30 14.81 -0.45
N LYS B 229 2.30 15.41 -1.09
CA LYS B 229 2.40 15.36 -2.55
C LYS B 229 2.49 13.91 -3.05
N LYS B 230 3.29 13.08 -2.38
CA LYS B 230 3.43 11.71 -2.87
C LYS B 230 2.13 10.94 -2.70
N LEU B 231 1.43 11.14 -1.57
CA LEU B 231 0.17 10.43 -1.36
C LEU B 231 -0.89 10.85 -2.39
N LEU B 232 -0.96 12.14 -2.72
CA LEU B 232 -1.91 12.62 -3.72
C LEU B 232 -1.57 12.08 -5.10
N LYS B 233 -0.28 11.98 -5.41
CA LYS B 233 0.12 11.42 -6.70
C LYS B 233 -0.22 9.94 -6.79
N ASP B 234 0.07 9.17 -5.74
CA ASP B 234 -0.11 7.73 -5.80
C ASP B 234 -1.54 7.28 -5.55
N HIS B 235 -2.37 8.08 -4.88
CA HIS B 235 -3.65 7.56 -4.42
C HIS B 235 -4.85 8.46 -4.71
N ALA B 236 -4.65 9.57 -5.42
CA ALA B 236 -5.75 10.36 -5.96
C ALA B 236 -5.60 10.41 -7.48
N SER B 237 -6.71 10.72 -8.16
CA SER B 237 -6.68 10.89 -9.61
C SER B 237 -7.06 12.32 -9.97
N SER B 238 -6.46 12.84 -11.04
CA SER B 238 -6.81 14.19 -11.49
C SER B 238 -8.05 14.10 -12.38
N MET B 239 -8.97 15.03 -12.17
CA MET B 239 -10.22 15.08 -12.90
C MET B 239 -10.15 16.15 -13.99
N PRO B 240 -11.09 16.15 -14.94
CA PRO B 240 -11.15 17.25 -15.90
C PRO B 240 -11.38 18.56 -15.17
N ASN B 241 -10.77 19.64 -15.67
CA ASN B 241 -10.95 20.96 -15.08
C ASN B 241 -10.42 21.00 -13.64
N ALA B 242 -9.36 20.23 -13.36
CA ALA B 242 -8.77 20.22 -12.02
C ALA B 242 -8.31 21.60 -11.59
N GLU B 243 -7.79 22.40 -12.53
CA GLU B 243 -7.28 23.74 -12.21
C GLU B 243 -8.36 24.64 -11.61
N SER B 244 -9.63 24.23 -11.71
CA SER B 244 -10.75 24.96 -11.13
C SER B 244 -11.11 24.50 -9.73
N TRP B 245 -10.52 23.38 -9.26
CA TRP B 245 -10.80 22.89 -7.91
C TRP B 245 -9.89 23.65 -6.97
N PRO B 246 -10.43 24.50 -6.10
CA PRO B 246 -9.58 25.30 -5.21
C PRO B 246 -8.85 24.45 -4.19
N VAL B 247 -7.86 25.07 -3.56
CA VAL B 247 -7.20 24.53 -2.37
C VAL B 247 -7.61 25.41 -1.19
N VAL B 248 -8.01 24.78 -0.09
CA VAL B 248 -8.42 25.49 1.12
C VAL B 248 -7.46 25.11 2.24
N GLY B 249 -6.90 26.11 2.90
CA GLY B 249 -6.06 25.89 4.07
C GLY B 249 -6.62 26.69 5.24
N GLN B 250 -6.67 26.06 6.41
CA GLN B 250 -7.33 26.63 7.59
C GLN B 250 -6.47 26.33 8.81
N PHE B 251 -6.06 27.37 9.54
CA PHE B 251 -4.98 27.21 10.52
C PHE B 251 -5.16 28.20 11.65
N SER B 252 -4.33 28.05 12.70
CA SER B 252 -4.40 28.93 13.87
C SER B 252 -3.14 29.77 14.07
N SER B 253 -2.15 29.64 13.19
CA SER B 253 -0.90 30.35 13.35
C SER B 253 -0.25 30.49 11.99
N VAL B 254 0.50 31.58 11.81
CA VAL B 254 1.19 31.83 10.56
C VAL B 254 2.65 32.10 10.87
N GLY B 255 3.55 31.45 10.10
CA GLY B 255 4.96 31.74 10.15
C GLY B 255 5.38 32.76 9.09
N SER B 256 6.68 33.06 9.08
CA SER B 256 7.24 33.93 8.06
C SER B 256 7.39 33.14 6.77
N LEU B 257 6.65 33.54 5.74
CA LEU B 257 6.61 32.79 4.48
C LEU B 257 7.54 33.37 3.42
N GLY B 258 8.16 34.51 3.69
CA GLY B 258 9.08 35.14 2.76
C GLY B 258 8.53 36.46 2.23
N ALA B 259 9.32 37.07 1.34
CA ALA B 259 9.05 38.43 0.87
C ALA B 259 7.88 38.50 -0.10
N ASP B 260 7.55 37.41 -0.78
CA ASP B 260 6.35 37.37 -1.62
C ASP B 260 5.93 35.91 -1.77
N GLU B 261 4.84 35.70 -2.52
CA GLU B 261 4.20 34.38 -2.58
C GLU B 261 5.02 33.35 -3.34
N SER B 262 5.94 33.79 -4.21
CA SER B 262 6.74 32.85 -4.99
C SER B 262 7.88 32.24 -4.19
N LYS B 263 8.20 32.79 -3.01
CA LYS B 263 9.32 32.26 -2.25
C LYS B 263 9.00 30.89 -1.65
N TRP B 264 7.73 30.63 -1.33
CA TRP B 264 7.38 29.34 -0.73
C TRP B 264 5.91 29.00 -0.90
N LEU B 265 5.02 29.95 -0.59
CA LEU B 265 3.60 29.65 -0.50
C LEU B 265 3.06 29.08 -1.80
N CYS B 266 3.21 29.83 -2.88
CA CYS B 266 2.61 29.44 -4.15
C CYS B 266 3.57 28.69 -5.04
N SER B 267 4.83 28.53 -4.61
CA SER B 267 5.80 27.78 -5.42
C SER B 267 5.89 26.33 -4.99
N GLU B 268 6.09 26.04 -3.72
CA GLU B 268 6.21 24.65 -3.29
C GLU B 268 5.07 24.18 -2.39
N PHE B 269 4.58 25.00 -1.47
CA PHE B 269 3.45 24.58 -0.64
C PHE B 269 2.19 24.34 -1.48
N LYS B 270 1.78 25.35 -2.24
CA LYS B 270 0.59 25.18 -3.08
C LYS B 270 0.82 24.12 -4.15
N GLU B 271 2.05 24.01 -4.65
CA GLU B 271 2.35 23.02 -5.68
C GLU B 271 2.10 21.61 -5.17
N SER B 272 2.51 21.33 -3.93
CA SER B 272 2.22 20.00 -3.37
C SER B 272 0.71 19.82 -3.18
N MET B 273 0.02 20.86 -2.71
CA MET B 273 -1.39 20.68 -2.41
C MET B 273 -2.26 20.56 -3.65
N LEU B 274 -1.81 21.08 -4.81
N LEU B 274 -1.82 21.06 -4.81
CA LEU B 274 -2.56 20.93 -6.06
CA LEU B 274 -2.61 20.91 -6.03
C LEU B 274 -2.46 19.51 -6.61
C LEU B 274 -2.30 19.61 -6.77
N THR B 275 -1.40 18.79 -6.25
CA THR B 275 -1.07 17.53 -6.89
C THR B 275 -2.26 16.55 -6.88
N LEU B 276 -2.48 15.91 -8.03
CA LEU B 276 -3.47 14.84 -8.17
C LEU B 276 -2.99 13.89 -9.26
N GLY B 277 -2.96 12.60 -8.97
CA GLY B 277 -2.54 11.62 -9.96
C GLY B 277 -1.06 11.73 -10.29
N LYS B 278 -0.62 10.85 -11.21
CA LYS B 278 0.80 10.70 -11.53
C LYS B 278 1.22 11.36 -12.84
N GLU B 279 0.29 12.01 -13.56
CA GLU B 279 0.69 12.75 -14.74
C GLU B 279 1.44 14.02 -14.34
N SER B 280 2.07 14.65 -15.33
CA SER B 280 2.89 15.84 -15.07
C SER B 280 2.15 17.13 -15.43
N SER B 286 0.43 28.50 -11.65
CA SER B 286 -0.88 27.85 -11.65
C SER B 286 -2.02 28.80 -11.30
N SER B 287 -3.19 28.55 -11.88
CA SER B 287 -4.37 29.37 -11.67
C SER B 287 -5.32 28.79 -10.63
N VAL B 288 -4.88 27.78 -9.89
CA VAL B 288 -5.77 27.17 -8.90
C VAL B 288 -6.01 28.18 -7.77
N PRO B 289 -7.25 28.47 -7.41
CA PRO B 289 -7.50 29.41 -6.31
C PRO B 289 -7.03 28.83 -4.99
N LEU B 290 -6.33 29.65 -4.20
CA LEU B 290 -5.89 29.30 -2.86
C LEU B 290 -6.67 30.12 -1.83
N TYR B 291 -7.47 29.44 -1.00
CA TYR B 291 -8.28 30.05 0.06
C TYR B 291 -7.67 29.74 1.41
N LEU B 292 -7.29 30.77 2.16
CA LEU B 292 -6.69 30.58 3.49
C LEU B 292 -7.63 31.17 4.53
N ILE B 293 -8.05 30.34 5.49
CA ILE B 293 -9.01 30.73 6.51
C ILE B 293 -8.27 30.98 7.81
N TYR B 294 -8.41 32.19 8.34
CA TYR B 294 -7.71 32.59 9.54
C TYR B 294 -8.50 33.70 10.22
N PRO B 295 -8.77 33.60 11.53
CA PRO B 295 -9.67 34.56 12.18
C PRO B 295 -9.22 36.01 11.99
N SER B 296 -10.18 36.85 11.62
CA SER B 296 -9.98 38.28 11.64
C SER B 296 -9.98 38.79 13.09
N VAL B 297 -9.53 40.03 13.26
CA VAL B 297 -9.64 40.66 14.57
C VAL B 297 -11.10 40.67 15.01
N GLU B 298 -12.01 40.98 14.09
N GLU B 298 -12.01 41.00 14.10
CA GLU B 298 -13.43 41.01 14.44
CA GLU B 298 -13.43 41.00 14.45
C GLU B 298 -13.94 39.62 14.82
C GLU B 298 -13.92 39.62 14.84
N ASN B 299 -13.45 38.57 14.14
CA ASN B 299 -13.80 37.20 14.53
C ASN B 299 -13.42 36.95 15.98
N VAL B 300 -12.22 37.35 16.37
CA VAL B 300 -11.75 37.15 17.74
C VAL B 300 -12.56 38.02 18.71
N ARG B 301 -12.74 39.30 18.38
CA ARG B 301 -13.37 40.24 19.31
C ARG B 301 -14.73 39.73 19.80
N THR B 302 -15.55 39.20 18.91
CA THR B 302 -16.89 38.76 19.26
C THR B 302 -16.99 37.25 19.51
N SER B 303 -15.86 36.55 19.60
CA SER B 303 -15.86 35.13 19.91
C SER B 303 -16.41 34.87 21.32
N LEU B 304 -16.71 33.60 21.60
CA LEU B 304 -17.15 33.23 22.94
C LEU B 304 -16.15 33.66 24.00
N GLU B 305 -14.85 33.57 23.70
CA GLU B 305 -13.83 33.96 24.66
C GLU B 305 -13.54 35.45 24.64
N GLY B 306 -13.84 36.13 23.53
CA GLY B 306 -13.37 37.46 23.32
C GLY B 306 -11.90 37.45 22.94
N TYR B 307 -11.26 38.60 23.18
CA TYR B 307 -9.86 38.75 22.83
C TYR B 307 -8.95 37.64 23.37
N PRO B 308 -9.16 37.07 24.56
CA PRO B 308 -8.25 36.02 25.03
C PRO B 308 -8.23 34.77 24.14
N ALA B 309 -9.21 34.59 23.24
CA ALA B 309 -9.05 33.54 22.23
C ALA B 309 -7.79 33.76 21.42
N GLY B 310 -7.43 35.02 21.18
CA GLY B 310 -6.23 35.38 20.44
C GLY B 310 -4.93 34.96 21.11
N GLY B 311 -4.97 34.57 22.39
CA GLY B 311 -3.78 34.00 22.99
C GLY B 311 -3.39 32.67 22.36
N SER B 312 -4.33 32.02 21.66
CA SER B 312 -4.10 30.76 20.98
C SER B 312 -4.07 30.93 19.47
N LEU B 313 -3.92 32.16 19.00
CA LEU B 313 -3.78 32.46 17.57
C LEU B 313 -2.49 33.25 17.41
N PRO B 314 -1.33 32.59 17.54
CA PRO B 314 -0.07 33.33 17.63
C PRO B 314 0.48 33.69 16.26
N TYR B 315 0.13 34.89 15.83
CA TYR B 315 0.67 35.53 14.64
C TYR B 315 1.25 36.85 15.12
N SER B 316 2.56 37.02 14.96
CA SER B 316 3.23 38.18 15.54
C SER B 316 3.31 39.33 14.53
N ILE B 317 3.28 40.57 15.06
CA ILE B 317 3.35 41.74 14.20
C ILE B 317 4.69 41.78 13.46
N GLN B 318 5.76 41.28 14.10
CA GLN B 318 7.06 41.22 13.45
C GLN B 318 7.00 40.41 12.17
N THR B 319 6.38 39.24 12.23
CA THR B 319 6.23 38.41 11.05
C THR B 319 5.23 39.01 10.08
N ALA B 320 4.06 39.41 10.58
CA ALA B 320 2.97 39.87 9.72
C ALA B 320 3.40 41.05 8.87
N GLU B 321 4.18 41.98 9.44
CA GLU B 321 4.52 43.19 8.70
C GLU B 321 5.51 42.92 7.58
N LYS B 322 6.22 41.79 7.63
CA LYS B 322 7.09 41.40 6.53
C LYS B 322 6.31 40.90 5.32
N GLN B 323 5.06 40.49 5.49
CA GLN B 323 4.37 39.71 4.47
C GLN B 323 2.93 40.17 4.30
N ASN B 324 2.72 41.49 4.18
CA ASN B 324 1.35 41.94 3.98
C ASN B 324 0.73 41.42 2.69
N TRP B 325 1.55 40.96 1.75
CA TRP B 325 1.01 40.32 0.55
C TRP B 325 0.11 39.14 0.91
N LEU B 326 0.42 38.44 2.00
CA LEU B 326 -0.31 37.21 2.34
C LEU B 326 -1.77 37.48 2.62
N HIS B 327 -2.09 38.64 3.19
CA HIS B 327 -3.42 38.87 3.74
C HIS B 327 -4.47 39.02 2.65
N SER B 328 -4.05 39.25 1.40
CA SER B 328 -4.93 39.13 0.24
C SER B 328 -5.61 37.77 0.15
N TYR B 329 -4.99 36.75 0.72
CA TYR B 329 -5.50 35.39 0.63
C TYR B 329 -6.45 35.03 1.76
N PHE B 330 -6.66 35.91 2.75
CA PHE B 330 -7.29 35.52 4.00
C PHE B 330 -8.82 35.62 3.95
N HIS B 331 -9.47 34.63 4.55
CA HIS B 331 -10.91 34.52 4.61
C HIS B 331 -11.32 34.37 6.07
N LYS B 332 -12.53 34.85 6.38
CA LYS B 332 -13.01 34.86 7.75
C LYS B 332 -13.28 33.44 8.26
N TRP B 333 -13.20 33.28 9.58
CA TRP B 333 -13.72 32.06 10.20
C TRP B 333 -15.25 32.14 10.23
N SER B 334 -15.90 31.14 9.65
CA SER B 334 -17.35 31.01 9.70
C SER B 334 -17.68 29.54 9.82
N ALA B 335 -18.55 29.19 10.76
CA ALA B 335 -18.85 27.78 11.01
C ALA B 335 -20.30 27.61 11.46
N GLU B 336 -21.22 28.28 10.75
CA GLU B 336 -22.64 28.07 11.02
C GLU B 336 -23.04 26.61 10.91
N THR B 337 -22.39 25.87 10.00
CA THR B 337 -22.74 24.47 9.79
C THR B 337 -22.55 23.64 11.06
N SER B 338 -21.63 24.02 11.93
CA SER B 338 -21.44 23.32 13.18
C SER B 338 -21.73 24.20 14.40
N GLY B 339 -22.40 25.32 14.20
CA GLY B 339 -22.74 26.23 15.29
C GLY B 339 -21.54 26.85 15.97
N ARG B 340 -20.43 27.00 15.25
CA ARG B 340 -19.16 27.32 15.89
C ARG B 340 -18.50 28.58 15.33
N SER B 341 -19.27 29.49 14.70
CA SER B 341 -18.69 30.73 14.21
C SER B 341 -18.01 31.51 15.32
N ASN B 342 -18.45 31.35 16.56
CA ASN B 342 -17.88 32.08 17.70
C ASN B 342 -16.92 31.24 18.53
N ALA B 343 -16.66 29.99 18.14
CA ALA B 343 -15.68 29.15 18.82
C ALA B 343 -14.42 29.16 17.96
N MET B 344 -13.43 29.96 18.38
CA MET B 344 -12.29 30.24 17.50
C MET B 344 -11.53 28.96 17.18
N PRO B 345 -10.99 28.82 15.96
CA PRO B 345 -10.40 27.54 15.55
C PRO B 345 -8.99 27.36 16.14
N HIS B 346 -8.78 26.21 16.76
CA HIS B 346 -7.45 25.69 16.96
C HIS B 346 -7.21 24.40 16.18
N ILE B 347 -8.27 23.84 15.60
CA ILE B 347 -8.14 22.84 14.54
C ILE B 347 -7.33 23.42 13.38
N LYS B 348 -6.65 22.55 12.63
CA LYS B 348 -6.06 22.90 11.34
C LYS B 348 -6.51 21.89 10.29
N THR B 349 -6.94 22.38 9.14
CA THR B 349 -7.43 21.48 8.09
C THR B 349 -7.01 21.99 6.72
N TYR B 350 -6.92 21.07 5.79
CA TYR B 350 -6.59 21.39 4.40
C TYR B 350 -7.42 20.47 3.52
N MET B 351 -7.91 20.98 2.39
CA MET B 351 -8.80 20.18 1.56
C MET B 351 -8.87 20.77 0.16
N ARG B 352 -9.53 20.03 -0.72
CA ARG B 352 -9.52 20.28 -2.16
C ARG B 352 -10.95 20.20 -2.67
N PRO B 353 -11.74 21.26 -2.49
CA PRO B 353 -13.16 21.22 -2.88
C PRO B 353 -13.35 21.34 -4.38
N SER B 354 -14.54 20.96 -4.84
CA SER B 354 -14.94 21.16 -6.22
C SER B 354 -15.14 22.66 -6.45
N PRO B 355 -15.26 23.11 -7.71
CA PRO B 355 -15.44 24.55 -7.96
C PRO B 355 -16.69 25.15 -7.32
N ASP B 356 -17.75 24.37 -7.12
CA ASP B 356 -18.93 24.85 -6.42
C ASP B 356 -18.98 24.37 -4.97
N PHE B 357 -17.89 23.81 -4.45
CA PHE B 357 -17.72 23.43 -3.05
C PHE B 357 -18.70 22.35 -2.58
N SER B 358 -19.36 21.67 -3.52
CA SER B 358 -20.26 20.58 -3.13
C SER B 358 -19.52 19.27 -2.88
N LYS B 359 -18.30 19.13 -3.38
CA LYS B 359 -17.52 17.90 -3.26
C LYS B 359 -16.11 18.24 -2.80
N ILE B 360 -15.39 17.24 -2.29
CA ILE B 360 -13.96 17.41 -2.01
C ILE B 360 -13.20 16.20 -2.53
N ALA B 361 -12.03 16.47 -3.09
CA ALA B 361 -11.13 15.41 -3.54
C ALA B 361 -10.33 14.78 -2.41
N TRP B 362 -10.18 15.46 -1.27
CA TRP B 362 -9.50 14.88 -0.10
C TRP B 362 -9.63 15.86 1.06
N PHE B 363 -9.36 15.37 2.27
CA PHE B 363 -9.46 16.20 3.47
C PHE B 363 -8.37 15.80 4.43
N LEU B 364 -7.67 16.80 4.99
CA LEU B 364 -6.59 16.58 5.94
C LEU B 364 -6.89 17.34 7.24
N VAL B 365 -6.82 16.65 8.39
CA VAL B 365 -6.81 17.31 9.69
C VAL B 365 -5.45 17.03 10.31
N THR B 366 -4.85 18.07 10.90
CA THR B 366 -3.45 17.97 11.27
C THR B 366 -3.15 18.98 12.37
N SER B 367 -1.95 18.86 12.94
CA SER B 367 -1.43 19.90 13.81
C SER B 367 -0.73 21.02 13.04
N ALA B 368 -0.44 20.84 11.75
CA ALA B 368 0.46 21.75 11.05
C ALA B 368 -0.23 23.06 10.69
N ASN B 369 0.32 24.17 11.19
CA ASN B 369 -0.11 25.51 10.81
C ASN B 369 0.51 25.90 9.48
N LEU B 370 0.26 27.14 9.05
CA LEU B 370 0.79 27.64 7.79
C LEU B 370 2.19 28.20 8.03
N SER B 371 3.17 27.29 8.04
CA SER B 371 4.55 27.69 8.30
C SER B 371 5.52 26.72 7.66
N LYS B 372 6.69 27.25 7.29
CA LYS B 372 7.77 26.40 6.76
C LYS B 372 8.29 25.43 7.81
N ALA B 373 8.30 25.84 9.08
CA ALA B 373 8.78 24.95 10.13
C ALA B 373 7.97 23.68 10.17
N ALA B 374 6.67 23.79 9.90
CA ALA B 374 5.77 22.65 10.03
C ALA B 374 5.77 21.78 8.79
N TRP B 375 5.70 22.41 7.62
CA TRP B 375 5.53 21.69 6.39
C TRP B 375 6.85 21.33 5.70
N GLY B 376 7.94 21.97 6.08
CA GLY B 376 9.22 21.79 5.42
C GLY B 376 9.46 22.84 4.35
N ALA B 377 10.74 23.18 4.17
CA ALA B 377 11.16 24.10 3.12
C ALA B 377 12.36 23.53 2.38
N LEU B 378 12.36 23.65 1.05
CA LEU B 378 13.42 23.09 0.24
C LEU B 378 14.71 23.89 0.39
N GLU B 379 15.83 23.17 0.44
CA GLU B 379 17.18 23.75 0.57
C GLU B 379 18.11 23.11 -0.45
N LYS B 380 19.30 23.71 -0.58
CA LYS B 380 20.38 23.21 -1.43
C LYS B 380 19.89 22.95 -2.85
N ASN B 381 19.29 23.97 -3.44
CA ASN B 381 18.73 23.92 -4.80
C ASN B 381 17.82 22.70 -4.99
N GLY B 382 16.82 22.60 -4.12
CA GLY B 382 15.76 21.61 -4.25
C GLY B 382 16.10 20.21 -3.79
N THR B 383 17.29 20.00 -3.24
CA THR B 383 17.78 18.68 -2.91
C THR B 383 17.47 18.25 -1.48
N GLN B 384 17.23 19.20 -0.58
CA GLN B 384 17.01 18.94 0.83
C GLN B 384 15.69 19.55 1.24
N LEU B 385 14.85 18.77 1.93
CA LEU B 385 13.66 19.31 2.59
C LEU B 385 13.97 19.46 4.07
N MET B 386 13.96 20.70 4.55
CA MET B 386 14.29 21.00 5.93
C MET B 386 13.00 21.21 6.71
N ILE B 387 12.82 20.42 7.77
CA ILE B 387 11.68 20.51 8.68
C ILE B 387 12.21 20.80 10.07
N ARG B 388 11.57 21.73 10.79
CA ARG B 388 12.00 22.07 12.14
C ARG B 388 11.21 21.35 13.23
N SER B 389 9.97 20.95 12.96
CA SER B 389 9.05 20.57 14.02
C SER B 389 8.48 19.18 13.84
N TYR B 390 7.90 18.67 14.92
CA TYR B 390 7.09 17.46 14.89
C TYR B 390 5.65 17.87 14.63
N GLU B 391 5.03 17.24 13.64
CA GLU B 391 3.63 17.51 13.29
C GLU B 391 2.98 16.19 12.91
N LEU B 392 1.65 16.12 13.02
CA LEU B 392 0.98 14.87 12.68
C LEU B 392 -0.47 15.14 12.31
N GLY B 393 -0.93 14.49 11.24
CA GLY B 393 -2.30 14.55 10.80
C GLY B 393 -2.67 13.29 10.04
N VAL B 394 -3.94 13.23 9.64
CA VAL B 394 -4.46 12.09 8.90
C VAL B 394 -5.20 12.60 7.67
N LEU B 395 -4.99 11.91 6.55
CA LEU B 395 -5.54 12.28 5.26
C LEU B 395 -6.65 11.31 4.88
N PHE B 396 -7.82 11.87 4.55
CA PHE B 396 -8.97 11.14 4.04
C PHE B 396 -8.93 11.25 2.52
N LEU B 397 -8.73 10.12 1.85
CA LEU B 397 -8.76 10.03 0.39
C LEU B 397 -9.95 9.20 -0.04
N PRO B 398 -10.77 9.68 -0.99
CA PRO B 398 -11.92 8.88 -1.45
C PRO B 398 -11.54 7.48 -1.90
N SER B 399 -10.38 7.30 -2.55
CA SER B 399 -9.94 5.96 -2.94
C SER B 399 -9.93 4.99 -1.76
N ALA B 400 -9.54 5.46 -0.56
CA ALA B 400 -9.49 4.59 0.61
C ALA B 400 -10.88 4.16 1.06
N PHE B 401 -11.94 4.79 0.55
CA PHE B 401 -13.31 4.43 0.92
C PHE B 401 -14.09 3.88 -0.27
N GLY B 402 -13.42 3.59 -1.38
CA GLY B 402 -14.10 3.09 -2.56
C GLY B 402 -14.90 4.13 -3.29
N LEU B 403 -14.47 5.39 -3.23
CA LEU B 403 -15.20 6.50 -3.83
C LEU B 403 -14.29 7.27 -4.77
N ASP B 404 -14.92 8.06 -5.62
CA ASP B 404 -14.17 8.98 -6.47
C ASP B 404 -14.02 10.35 -5.82
N SER B 405 -14.97 10.73 -4.99
CA SER B 405 -14.89 11.97 -4.24
C SER B 405 -15.81 11.86 -3.04
N PHE B 406 -15.68 12.81 -2.12
CA PHE B 406 -16.59 12.91 -0.99
C PHE B 406 -17.60 14.00 -1.26
N LYS B 407 -18.86 13.73 -0.95
CA LYS B 407 -19.86 14.79 -0.91
C LYS B 407 -19.73 15.54 0.41
N VAL B 408 -19.87 16.86 0.36
CA VAL B 408 -19.71 17.67 1.57
C VAL B 408 -21.02 17.65 2.35
N LYS B 409 -20.94 17.32 3.64
CA LYS B 409 -22.12 17.29 4.51
C LYS B 409 -22.66 18.70 4.69
N GLN B 410 -23.94 18.90 4.37
CA GLN B 410 -24.44 20.27 4.27
C GLN B 410 -24.67 20.89 5.65
N LYS B 411 -25.08 20.08 6.62
CA LYS B 411 -25.11 20.51 8.02
C LYS B 411 -24.37 19.47 8.85
N PHE B 412 -23.31 19.94 9.55
CA PHE B 412 -22.32 19.06 10.17
C PHE B 412 -22.96 18.01 11.08
N PHE B 413 -24.04 18.36 11.78
CA PHE B 413 -24.69 17.47 12.73
C PHE B 413 -26.00 16.89 12.19
N ALA B 414 -26.16 16.82 10.87
CA ALA B 414 -27.33 16.22 10.24
C ALA B 414 -27.08 14.73 9.96
N GLY B 415 -28.04 14.10 9.30
CA GLY B 415 -27.94 12.68 8.97
C GLY B 415 -27.90 12.40 7.48
N PRO B 419 -26.29 9.50 1.44
CA PRO B 419 -25.71 8.43 2.24
C PRO B 419 -24.90 8.96 3.41
N MET B 420 -24.32 8.08 4.21
CA MET B 420 -23.40 8.47 5.27
C MET B 420 -21.96 8.60 4.77
N ALA B 421 -21.73 8.43 3.47
CA ALA B 421 -20.42 8.68 2.86
C ALA B 421 -20.27 10.13 2.40
N THR B 422 -20.80 11.07 3.17
CA THR B 422 -20.57 12.48 2.96
C THR B 422 -19.64 12.98 4.08
N PHE B 423 -18.71 13.84 3.72
CA PHE B 423 -17.69 14.16 4.70
C PHE B 423 -18.09 15.38 5.52
N PRO B 424 -18.05 15.28 6.86
CA PRO B 424 -18.43 16.41 7.71
C PRO B 424 -17.40 17.53 7.76
N VAL B 425 -17.39 18.41 6.77
CA VAL B 425 -16.55 19.60 6.80
C VAL B 425 -17.02 20.51 7.93
N PRO B 426 -16.17 20.89 8.88
CA PRO B 426 -16.66 21.58 10.10
C PRO B 426 -16.92 23.08 9.96
N TYR B 427 -16.55 23.73 8.88
CA TYR B 427 -16.80 25.16 8.74
C TYR B 427 -17.53 25.39 7.43
N ASP B 428 -17.93 26.65 7.19
CA ASP B 428 -18.79 27.00 6.07
C ASP B 428 -18.03 27.12 4.77
N LEU B 429 -18.68 26.70 3.68
CA LEU B 429 -18.18 26.85 2.33
C LEU B 429 -19.25 27.57 1.49
N PRO B 430 -18.85 28.42 0.55
CA PRO B 430 -17.45 28.82 0.31
C PRO B 430 -16.93 29.72 1.42
N PRO B 431 -15.61 29.78 1.60
CA PRO B 431 -15.05 30.73 2.57
C PRO B 431 -15.33 32.16 2.12
N GLU B 432 -15.51 33.04 3.10
CA GLU B 432 -15.83 34.44 2.84
C GLU B 432 -14.58 35.29 2.99
N LEU B 433 -14.23 36.02 1.94
CA LEU B 433 -13.06 36.89 1.95
C LEU B 433 -13.19 37.97 3.04
N TYR B 434 -12.05 38.38 3.60
CA TYR B 434 -12.03 39.52 4.51
C TYR B 434 -12.65 40.73 3.83
N GLY B 435 -13.34 41.56 4.62
CA GLY B 435 -13.76 42.87 4.16
C GLY B 435 -12.58 43.83 4.12
N SER B 436 -12.79 44.97 3.46
CA SER B 436 -11.71 45.94 3.32
C SER B 436 -11.23 46.46 4.66
N LYS B 437 -12.10 46.45 5.68
CA LYS B 437 -11.72 46.95 6.99
C LYS B 437 -11.21 45.83 7.90
N ASP B 438 -11.41 44.57 7.54
CA ASP B 438 -10.90 43.47 8.35
C ASP B 438 -9.37 43.43 8.32
N ARG B 439 -8.81 42.89 9.39
CA ARG B 439 -7.37 42.64 9.50
C ARG B 439 -7.17 41.27 10.14
N PRO B 440 -6.08 40.58 9.82
CA PRO B 440 -5.83 39.30 10.49
C PRO B 440 -5.57 39.51 11.97
N TRP B 441 -5.96 38.54 12.77
CA TRP B 441 -5.63 38.59 14.20
C TRP B 441 -4.11 38.52 14.36
N ILE B 442 -3.55 39.51 15.04
CA ILE B 442 -2.13 39.58 15.38
C ILE B 442 -2.05 39.69 16.89
N TRP B 443 -1.43 38.70 17.54
CA TRP B 443 -1.67 38.52 18.97
C TRP B 443 -0.91 39.50 19.85
N ASN B 444 0.15 40.14 19.36
CA ASN B 444 1.01 40.94 20.22
C ASN B 444 0.97 42.43 19.90
N ILE B 445 -0.15 42.92 19.40
CA ILE B 445 -0.44 44.35 19.38
C ILE B 445 -1.71 44.56 20.18
N PRO B 446 -1.95 45.77 20.67
CA PRO B 446 -3.16 46.00 21.47
C PRO B 446 -4.37 46.33 20.61
N TYR B 447 -5.53 45.94 21.12
CA TYR B 447 -6.82 46.29 20.54
C TYR B 447 -7.58 47.02 21.64
N VAL B 448 -7.62 48.35 21.56
CA VAL B 448 -8.24 49.17 22.58
C VAL B 448 -9.39 50.02 22.04
N LYS B 449 -9.75 49.87 20.77
CA LYS B 449 -10.77 50.70 20.17
C LYS B 449 -12.18 50.19 20.46
N ALA B 450 -12.34 48.89 20.61
CA ALA B 450 -13.65 48.30 20.70
C ALA B 450 -13.60 47.16 21.70
N PRO B 451 -14.46 47.16 22.70
CA PRO B 451 -14.45 46.07 23.68
C PRO B 451 -14.94 44.79 23.06
N ASP B 452 -14.53 43.67 23.66
CA ASP B 452 -14.88 42.35 23.15
C ASP B 452 -16.14 41.84 23.85
N THR B 453 -16.37 40.53 23.68
CA THR B 453 -17.57 39.87 24.17
C THR B 453 -17.79 40.12 25.66
N HIS B 454 -16.70 40.21 26.43
CA HIS B 454 -16.78 40.36 27.87
C HIS B 454 -16.48 41.79 28.33
N GLY B 455 -16.49 42.75 27.40
CA GLY B 455 -16.31 44.15 27.74
C GLY B 455 -14.88 44.56 27.97
N ASN B 456 -13.93 43.78 27.47
CA ASN B 456 -12.53 43.96 27.77
C ASN B 456 -11.79 44.44 26.54
N MET B 457 -10.67 45.12 26.78
CA MET B 457 -9.69 45.41 25.75
C MET B 457 -8.58 44.38 25.83
N TRP B 458 -7.69 44.39 24.83
CA TRP B 458 -6.55 43.47 24.73
C TRP B 458 -5.27 44.27 24.74
N VAL B 459 -4.44 44.05 25.75
CA VAL B 459 -3.16 44.75 25.89
C VAL B 459 -2.10 43.72 26.21
N PRO B 460 -1.35 43.20 25.22
CA PRO B 460 -0.33 42.15 25.38
C PRO B 460 1.02 42.68 25.84
C1 EDO C . 6.45 -11.15 -14.87
O1 EDO C . 5.44 -10.13 -14.79
C2 EDO C . 6.58 -11.88 -13.53
O2 EDO C . 5.31 -12.32 -13.06
C1 EDO D . 0.49 -2.56 -10.68
O1 EDO D . 1.19 -1.78 -11.64
C2 EDO D . -0.55 -3.36 -11.44
O2 EDO D . -0.29 -4.74 -11.27
C13 K8G E . 5.90 -22.51 -21.40
C02 K8G E . 3.10 -22.59 -22.16
C04 K8G E . 4.12 -21.97 -23.11
C05 K8G E . 3.69 -21.42 -24.31
C06 K8G E . 4.61 -20.85 -25.17
C07 K8G E . 5.94 -20.81 -24.82
C11 K8G E . 6.38 -21.35 -23.61
C12 K8G E . 5.46 -21.93 -22.76
N08 K8G E . 6.90 -20.19 -25.72
O01 K8G E . 3.14 -23.83 -21.91
O03 K8G E . 2.21 -21.85 -21.65
O09 K8G E . 7.87 -20.78 -26.04
O10 K8G E . 6.68 -19.10 -26.11
O14 K8G E . 6.76 -23.44 -21.34
O15 K8G E . 5.38 -22.02 -20.37
C1 EDO F . 2.25 18.02 8.28
O1 EDO F . 3.11 16.88 8.33
C2 EDO F . 0.83 17.57 7.93
O2 EDO F . 0.34 16.61 8.88
C1 EDO G . 6.70 8.17 6.78
O1 EDO G . 6.34 7.54 5.54
C2 EDO G . 5.61 7.85 7.80
O2 EDO G . 4.35 8.26 7.29
C13 K8G H . -0.99 26.52 17.58
C02 K8G H . -0.08 24.83 19.80
C04 K8G H . 0.82 25.93 19.23
C05 K8G H . 2.08 26.13 19.80
C06 K8G H . 2.90 27.13 19.31
C07 K8G H . 2.48 27.93 18.27
C11 K8G H . 1.23 27.74 17.71
C12 K8G H . 0.40 26.74 18.19
N08 K8G H . 3.36 28.98 17.79
O01 K8G H . 0.28 23.62 19.79
O03 K8G H . -1.20 25.14 20.31
O09 K8G H . 3.92 29.68 18.56
O10 K8G H . 3.51 29.14 16.63
O14 K8G H . -1.28 25.38 17.12
O15 K8G H . -1.85 27.45 17.52
#